data_7F24
#
_entry.id   7F24
#
_cell.length_a   1.00
_cell.length_b   1.00
_cell.length_c   1.00
_cell.angle_alpha   90.00
_cell.angle_beta   90.00
_cell.angle_gamma   90.00
#
_symmetry.space_group_name_H-M   'P 1'
#
loop_
_entity.id
_entity.type
_entity.pdbx_description
1 polymer 'Guanine nucleotide-binding protein G(s) subunit alpha isoforms short,Isoform Gnas-2 of Guanine nucleotide-binding protein G(s) subunit alpha isoforms short'
2 polymer 'D(1A) dopamine receptor'
3 polymer 'Guanine nucleotide-binding protein G(I)/G(S)/G(T) subunit beta-1'
4 polymer 'Guanine nucleotide-binding protein G(I)/G(S)/G(O) subunit gamma-2'
5 non-polymer "GUANOSINE-5'-TRIPHOSPHATE"
6 non-polymer L-DOPAMINE
#
loop_
_entity_poly.entity_id
_entity_poly.type
_entity_poly.pdbx_seq_one_letter_code
_entity_poly.pdbx_strand_id
1 'polypeptide(L)'
;NSKTEDQRNEEKAQREANKKIEKQLQKDKQVYRATHRLLLLGADNSGKSTIVKQMRILHGGSGGSGGTSGIFETKFQVDK
VNFHMFDVGGQRDERRKWIQCFNDVTAIIFVVDSSDYNRLQEALNLFKSIWNNRWLRTISVILFLNKQDLLAEKVLAGKS
KIEDYFPEFARYTTPEDATPEPGEDPRVTRAKYFIRDEFLRISTASGDGRHYCYPHFTCAVDTENARRIFNDCRDIIQRM
HLRQYELL
;
A
2 'polypeptide(L)'
;MKTIIALSYIFCLVFADYKDDDDASIDMRTLNTSAMDGTGLVVERDFSVRILTACFLSLLILSTLLGNTLVCAAVIRFRH
LRSKVTNFFVISLAVSDLLVAVLVMPWKAVAEIAGFWPFGSFCNIWVAFDIMCSTASILNLCVISVDRYWAISSPFRYER
KMTPKAAFILISVAWTLSVLISFIPVQLSWHKAKPTSPSDGNATSLAETIDNCDSSLSRTYAISSSVISFYIPVAIMIVT
YTRIYRIAQKQIRRIAALERAAVHAKNCQTTTGNGKPVECSQPESSFKMSFKRETKVLKTLSVIMGVFVCCWLPFFILNC
ILPFCGSGETQPFCIDSNTFDVFVWFGWANSSLNPIIYAFNADFRKAFSTLLGCYRLCPATNNAIETVSINNNGAAMFSS
HHEPRGSISKECNLVYLIPHAVGSSEDLKKEEAAGIARPLEKLSPALSVILDYDTDVSLEKIQPITQNGQHPT
;
F
3 'polypeptide(L)'
;MHHHHHHLEVLFQGPGSSGSELDQLRQEAEQLKNQIRDARKACADATLSQITNNIDPVGRIQMRTRRTLRGHLAKIYAMH
WGTDSRLLVSASQDGKLIIWDSYTTNKVHAIPLRSSWVMTCAYAPSGNYVACGGLDNICSIYNLKTREGNVRVSRELAGH
TGYLSCCRFLDDNQIVTSSGDTTCALWDIETGQQTTTFTGHTGDVMSLSLAPDTRLFVSGACDASAKLWDVREGMCRQTF
TGHESDINAICFFPNGNAFATGSDDATCRLFDLRADQELMTYSHDNIICGITSVSFSKSGRLLLAGYDDFNCNVWDALKA
DRAGVLAGHDNRVSCLGVTDDGMAVATGSWDSFLKIWN
;
B
4 'polypeptide(L)' MASNNTASIAQARKLVEQLKMEANIDRIKVSKAAADLMAYCEAHAKEDPLLTPVPASENPFREKKFFSAIL D
#
loop_
_chem_comp.id
_chem_comp.type
_chem_comp.name
_chem_comp.formula
GTP non-polymer GUANOSINE-5'-TRIPHOSPHATE 'C10 H16 N5 O14 P3'
LDP non-polymer L-DOPAMINE 'C8 H11 N O2'
#
# COMPACT_ATOMS: atom_id res chain seq x y z
N GLN A 14 8.48 -29.49 -17.85
CA GLN A 14 7.09 -29.12 -17.62
C GLN A 14 6.78 -29.02 -16.12
N ARG A 15 6.54 -30.17 -15.47
CA ARG A 15 6.20 -30.13 -14.05
C ARG A 15 7.41 -29.75 -13.22
N GLU A 16 8.60 -30.20 -13.61
CA GLU A 16 9.78 -29.81 -12.84
C GLU A 16 10.26 -28.41 -13.20
N ALA A 17 9.96 -27.94 -14.40
CA ALA A 17 10.18 -26.53 -14.68
C ALA A 17 9.28 -25.65 -13.83
N ASN A 18 8.01 -26.04 -13.68
CA ASN A 18 7.15 -25.30 -12.79
C ASN A 18 7.60 -25.38 -11.34
N LYS A 19 8.15 -26.53 -10.92
CA LYS A 19 8.59 -26.64 -9.55
C LYS A 19 9.81 -25.78 -9.27
N LYS A 20 10.82 -25.83 -10.14
CA LYS A 20 12.00 -25.00 -9.91
C LYS A 20 11.69 -23.51 -10.02
N ILE A 21 10.76 -23.12 -10.90
CA ILE A 21 10.48 -21.71 -11.05
C ILE A 21 9.72 -21.19 -9.85
N GLU A 22 8.66 -21.88 -9.43
CA GLU A 22 7.87 -21.31 -8.35
C GLU A 22 8.67 -21.22 -7.06
N LYS A 23 9.58 -22.17 -6.79
CA LYS A 23 10.32 -22.02 -5.55
C LYS A 23 11.48 -21.04 -5.62
N GLN A 24 12.11 -20.85 -6.78
CA GLN A 24 13.06 -19.74 -6.85
C GLN A 24 12.36 -18.39 -6.79
N LEU A 25 11.23 -18.25 -7.49
CA LEU A 25 10.50 -17.00 -7.44
C LEU A 25 9.89 -16.76 -6.06
N GLN A 26 9.62 -17.82 -5.31
CA GLN A 26 9.11 -17.60 -3.97
C GLN A 26 10.21 -17.10 -3.06
N LYS A 27 11.42 -17.66 -3.20
CA LYS A 27 12.50 -17.14 -2.37
C LYS A 27 12.89 -15.72 -2.74
N ASP A 28 12.91 -15.39 -4.04
CA ASP A 28 13.24 -14.01 -4.38
C ASP A 28 12.14 -13.03 -3.98
N LYS A 29 10.86 -13.44 -4.07
CA LYS A 29 9.80 -12.55 -3.63
C LYS A 29 9.93 -12.28 -2.14
N GLN A 30 10.21 -13.34 -1.37
CA GLN A 30 10.38 -13.16 0.06
C GLN A 30 11.59 -12.30 0.37
N VAL A 31 12.66 -12.43 -0.40
CA VAL A 31 13.85 -11.63 -0.14
C VAL A 31 13.55 -10.16 -0.37
N TYR A 32 12.96 -9.82 -1.53
CA TYR A 32 12.63 -8.41 -1.74
C TYR A 32 11.68 -7.93 -0.67
N ARG A 33 10.78 -8.80 -0.23
CA ARG A 33 9.84 -8.40 0.80
C ARG A 33 10.57 -8.16 2.11
N ALA A 34 11.73 -8.80 2.27
CA ALA A 34 12.49 -8.78 3.50
C ALA A 34 13.62 -7.76 3.51
N THR A 35 13.76 -6.95 2.47
CA THR A 35 14.81 -5.94 2.44
C THR A 35 14.11 -4.66 2.88
N HIS A 36 14.70 -3.99 3.86
CA HIS A 36 14.13 -2.75 4.40
C HIS A 36 14.68 -1.49 3.74
N ARG A 37 13.84 -0.89 2.90
CA ARG A 37 14.18 0.33 2.19
C ARG A 37 14.13 1.51 3.15
N LEU A 38 15.16 2.35 3.11
CA LEU A 38 15.27 3.52 3.95
C LEU A 38 15.51 4.70 3.04
N LEU A 39 14.67 5.70 3.13
CA LEU A 39 14.83 6.86 2.28
C LEU A 39 15.59 7.91 3.05
N LEU A 40 16.64 8.43 2.43
CA LEU A 40 17.47 9.45 3.01
C LEU A 40 17.02 10.79 2.49
N LEU A 41 16.68 11.69 3.39
CA LEU A 41 16.22 13.01 3.01
C LEU A 41 16.96 14.04 3.84
N GLY A 42 16.93 15.27 3.39
CA GLY A 42 17.62 16.33 4.11
C GLY A 42 18.17 17.33 3.15
N ALA A 43 18.50 18.51 3.66
CA ALA A 43 19.04 19.53 2.79
C ALA A 43 20.38 19.06 2.23
N ASP A 44 20.87 19.75 1.21
CA ASP A 44 22.24 19.56 0.80
C ASP A 44 23.19 20.26 1.77
N ASN A 45 24.49 20.12 1.53
CA ASN A 45 25.51 20.52 2.49
C ASN A 45 25.27 19.90 3.85
N SER A 46 24.68 18.71 3.87
CA SER A 46 24.42 18.01 5.11
C SER A 46 25.17 16.67 5.19
N GLY A 47 26.07 16.43 4.26
CA GLY A 47 26.86 15.21 4.28
C GLY A 47 26.08 13.93 4.00
N LYS A 48 24.92 14.05 3.35
CA LYS A 48 24.09 12.88 3.08
C LYS A 48 24.87 11.90 2.22
N SER A 49 25.42 12.44 1.13
CA SER A 49 26.17 11.63 0.20
C SER A 49 27.40 11.09 0.89
N THR A 50 27.94 11.83 1.85
CA THR A 50 29.07 11.30 2.56
C THR A 50 28.67 10.12 3.44
N ILE A 51 27.47 10.15 4.03
CA ILE A 51 27.07 9.01 4.83
C ILE A 51 26.86 7.78 3.97
N VAL A 52 26.22 7.96 2.81
CA VAL A 52 26.00 6.80 1.96
C VAL A 52 27.32 6.28 1.41
N LYS A 53 28.24 7.18 1.06
CA LYS A 53 29.55 6.75 0.60
C LYS A 53 30.28 5.96 1.69
N GLN A 54 30.18 6.42 2.93
CA GLN A 54 30.87 5.70 4.00
C GLN A 54 30.27 4.33 4.20
N MET A 55 28.94 4.22 4.08
CA MET A 55 28.34 2.91 4.28
C MET A 55 28.76 1.97 3.17
N ARG A 56 28.87 2.51 1.95
CA ARG A 56 29.32 1.72 0.82
C ARG A 56 30.74 1.25 1.06
N ILE A 57 31.50 2.02 1.84
CA ILE A 57 32.89 1.69 2.09
C ILE A 57 32.97 0.67 3.22
N LEU A 58 32.51 1.04 4.40
CA LEU A 58 32.81 0.25 5.59
C LEU A 58 31.97 -1.01 5.64
N HIS A 59 30.74 -0.96 5.14
CA HIS A 59 29.95 -2.18 5.06
C HIS A 59 29.72 -2.67 3.64
N GLY A 60 29.43 -1.79 2.69
CA GLY A 60 29.25 -2.24 1.31
C GLY A 60 28.27 -1.47 0.45
N GLY A 70 27.84 9.30 -1.49
CA GLY A 70 28.30 8.88 -2.80
C GLY A 70 27.20 8.53 -3.78
N ILE A 71 27.10 7.23 -4.10
CA ILE A 71 26.25 6.78 -5.19
C ILE A 71 24.79 6.91 -4.76
N PHE A 72 23.89 6.95 -5.73
CA PHE A 72 22.49 7.25 -5.43
C PHE A 72 21.93 6.20 -4.50
N GLU A 73 22.39 4.97 -4.65
CA GLU A 73 21.81 3.80 -4.02
C GLU A 73 22.84 3.17 -3.07
N THR A 74 22.37 2.34 -2.15
CA THR A 74 23.24 1.49 -1.33
C THR A 74 22.50 0.27 -0.82
N LYS A 75 23.17 -0.88 -0.81
CA LYS A 75 22.57 -2.12 -0.31
C LYS A 75 23.49 -2.69 0.74
N PHE A 76 23.01 -2.84 1.97
CA PHE A 76 23.92 -3.36 2.97
C PHE A 76 23.15 -4.25 3.93
N GLN A 77 23.86 -5.18 4.54
CA GLN A 77 23.26 -6.14 5.46
C GLN A 77 23.84 -6.01 6.85
N VAL A 78 22.98 -5.99 7.85
CA VAL A 78 23.40 -6.07 9.24
C VAL A 78 22.70 -7.26 9.86
N ASP A 79 23.48 -8.18 10.41
CA ASP A 79 22.98 -9.36 11.10
C ASP A 79 21.92 -10.09 10.29
N LYS A 80 22.26 -10.42 9.04
CA LYS A 80 21.37 -11.15 8.15
C LYS A 80 20.09 -10.37 7.88
N VAL A 81 20.14 -9.06 8.04
CA VAL A 81 19.01 -8.18 7.80
C VAL A 81 19.40 -7.21 6.71
N ASN A 82 18.65 -7.24 5.61
CA ASN A 82 19.01 -6.43 4.47
C ASN A 82 18.40 -5.05 4.54
N PHE A 83 19.14 -4.07 4.07
CA PHE A 83 18.70 -2.69 4.01
C PHE A 83 19.02 -2.18 2.62
N HIS A 84 18.23 -1.22 2.19
CA HIS A 84 18.40 -0.54 0.93
C HIS A 84 18.24 0.95 1.18
N MET A 85 19.35 1.69 1.14
CA MET A 85 19.31 3.12 1.45
C MET A 85 19.33 3.92 0.15
N PHE A 86 18.42 4.88 0.04
CA PHE A 86 18.29 5.66 -1.17
C PHE A 86 18.34 7.15 -0.90
N ASP A 87 19.12 7.88 -1.69
CA ASP A 87 19.08 9.33 -1.58
C ASP A 87 18.57 9.87 -2.91
N VAL A 88 17.53 10.70 -2.84
CA VAL A 88 16.92 11.27 -4.02
C VAL A 88 17.51 12.63 -4.36
N GLY A 89 17.99 12.78 -5.59
CA GLY A 89 18.62 14.00 -6.06
C GLY A 89 17.79 14.70 -7.10
N GLY A 90 16.46 14.69 -6.93
CA GLY A 90 15.58 15.37 -7.88
C GLY A 90 15.52 16.88 -7.69
N GLN A 91 15.86 17.37 -6.50
CA GLN A 91 16.02 18.80 -6.28
C GLN A 91 14.75 19.60 -6.54
N ARG A 92 13.72 19.43 -5.73
CA ARG A 92 12.58 20.34 -5.85
C ARG A 92 11.94 20.61 -4.49
N ASP A 93 10.70 21.11 -4.48
CA ASP A 93 10.05 21.41 -3.22
C ASP A 93 8.94 20.43 -2.86
N GLU A 94 7.88 20.37 -3.66
CA GLU A 94 6.84 19.37 -3.47
C GLU A 94 7.32 18.11 -4.17
N ARG A 95 8.14 17.34 -3.49
CA ARG A 95 8.58 16.06 -4.05
C ARG A 95 7.50 15.03 -3.79
N ARG A 96 6.32 15.26 -4.36
CA ARG A 96 5.23 14.34 -4.10
C ARG A 96 5.41 13.04 -4.87
N LYS A 97 5.32 13.11 -6.19
CA LYS A 97 5.45 11.91 -7.02
C LYS A 97 6.82 11.30 -6.88
N TRP A 98 7.85 12.12 -6.66
CA TRP A 98 9.15 11.52 -6.51
C TRP A 98 9.30 10.89 -5.15
N ILE A 99 8.32 11.11 -4.28
CA ILE A 99 8.41 10.52 -2.96
C ILE A 99 7.17 9.67 -2.67
N GLN A 100 6.00 10.03 -3.20
CA GLN A 100 4.84 9.20 -2.92
C GLN A 100 4.91 7.84 -3.60
N CYS A 101 5.91 7.61 -4.44
CA CYS A 101 6.21 6.30 -5.01
C CYS A 101 7.02 5.44 -4.07
N PHE A 102 7.37 5.98 -2.91
CA PHE A 102 8.25 5.41 -1.91
C PHE A 102 7.61 5.51 -0.54
N ASN A 103 6.30 5.30 -0.55
CA ASN A 103 5.39 5.30 0.57
C ASN A 103 5.55 4.08 1.44
N ASP A 104 6.31 3.09 0.99
CA ASP A 104 6.46 1.85 1.73
C ASP A 104 7.83 1.66 2.34
N VAL A 105 8.66 2.70 2.37
CA VAL A 105 9.96 2.53 2.99
C VAL A 105 9.77 2.33 4.49
N THR A 106 10.72 1.65 5.12
CA THR A 106 10.62 1.40 6.56
C THR A 106 10.76 2.70 7.34
N ALA A 107 11.69 3.56 6.94
CA ALA A 107 11.92 4.80 7.67
C ALA A 107 12.61 5.81 6.78
N ILE A 108 12.47 7.07 7.16
CA ILE A 108 13.16 8.16 6.48
C ILE A 108 14.28 8.66 7.38
N ILE A 109 15.48 8.76 6.85
CA ILE A 109 16.64 9.26 7.57
C ILE A 109 16.79 10.73 7.22
N PHE A 110 16.34 11.62 8.09
CA PHE A 110 16.44 13.03 7.80
C PHE A 110 17.75 13.56 8.36
N VAL A 111 18.62 14.05 7.50
CA VAL A 111 19.93 14.54 7.91
C VAL A 111 19.96 16.06 7.88
N VAL A 112 20.49 16.67 8.92
CA VAL A 112 20.53 18.12 9.00
C VAL A 112 21.89 18.62 9.42
N ASP A 113 22.43 19.54 8.62
CA ASP A 113 23.69 20.22 8.88
C ASP A 113 23.50 21.18 10.04
N SER A 114 23.82 20.74 11.25
CA SER A 114 23.61 21.55 12.43
C SER A 114 24.52 22.76 12.53
N SER A 115 25.56 22.85 11.71
CA SER A 115 26.50 23.97 11.82
C SER A 115 26.18 25.14 10.89
N ASP A 116 25.07 25.11 10.16
CA ASP A 116 24.73 26.19 9.23
C ASP A 116 23.59 26.97 9.85
N TYR A 117 23.95 27.96 10.65
CA TYR A 117 23.03 28.61 11.57
C TYR A 117 21.88 29.33 10.91
N ASN A 118 21.94 29.60 9.61
CA ASN A 118 20.88 30.38 9.00
C ASN A 118 19.98 29.56 8.09
N ARG A 119 20.49 28.48 7.49
CA ARG A 119 19.61 27.56 6.81
C ARG A 119 18.97 26.57 7.76
N LEU A 120 19.14 26.74 9.08
CA LEU A 120 18.50 25.80 9.98
C LEU A 120 17.02 26.04 10.04
N GLN A 121 16.59 27.30 9.94
CA GLN A 121 15.16 27.53 9.87
C GLN A 121 14.59 26.97 8.58
N GLU A 122 15.35 27.02 7.49
CA GLU A 122 14.88 26.41 6.25
C GLU A 122 14.73 24.91 6.43
N ALA A 123 15.69 24.29 7.10
CA ALA A 123 15.61 22.86 7.35
C ALA A 123 14.44 22.55 8.27
N LEU A 124 14.19 23.39 9.25
CA LEU A 124 13.08 23.19 10.15
C LEU A 124 11.77 23.27 9.40
N ASN A 125 11.64 24.23 8.50
CA ASN A 125 10.42 24.36 7.74
C ASN A 125 10.24 23.15 6.83
N LEU A 126 11.32 22.68 6.22
CA LEU A 126 11.20 21.50 5.38
C LEU A 126 10.84 20.29 6.23
N PHE A 127 11.39 20.20 7.43
CA PHE A 127 11.05 19.11 8.32
C PHE A 127 9.60 19.18 8.72
N LYS A 128 9.07 20.38 8.90
CA LYS A 128 7.69 20.53 9.29
C LYS A 128 6.80 20.07 8.16
N SER A 129 7.19 20.38 6.94
CA SER A 129 6.40 19.96 5.79
C SER A 129 6.48 18.45 5.62
N ILE A 130 7.61 17.86 6.00
CA ILE A 130 7.73 16.41 5.90
C ILE A 130 6.96 15.71 7.01
N TRP A 131 7.05 16.22 8.23
CA TRP A 131 6.42 15.56 9.36
C TRP A 131 4.91 15.56 9.23
N ASN A 132 4.37 16.60 8.64
CA ASN A 132 2.93 16.73 8.44
C ASN A 132 2.52 16.36 7.04
N ASN A 133 3.36 15.65 6.32
CA ASN A 133 3.03 15.31 4.95
C ASN A 133 1.88 14.31 4.93
N ARG A 134 0.98 14.49 3.96
CA ARG A 134 -0.18 13.64 3.84
C ARG A 134 0.19 12.21 3.48
N TRP A 135 1.33 12.01 2.82
CA TRP A 135 1.76 10.71 2.34
C TRP A 135 2.80 10.06 3.23
N LEU A 136 3.15 10.69 4.35
CA LEU A 136 4.13 10.15 5.28
C LEU A 136 3.55 10.09 6.68
N ARG A 137 2.23 10.13 6.77
CA ARG A 137 1.60 10.14 8.08
C ARG A 137 2.03 8.93 8.88
N THR A 138 2.40 7.85 8.21
CA THR A 138 2.77 6.61 8.88
C THR A 138 4.24 6.27 8.74
N ILE A 139 5.05 7.14 8.15
CA ILE A 139 6.47 6.88 7.96
C ILE A 139 7.21 7.51 9.13
N SER A 140 7.85 6.70 9.95
CA SER A 140 8.65 7.29 11.01
C SER A 140 9.99 7.79 10.47
N VAL A 141 10.49 8.83 11.12
CA VAL A 141 11.72 9.50 10.70
C VAL A 141 12.80 9.36 11.74
N ILE A 142 13.99 9.04 11.29
CA ILE A 142 15.20 8.98 12.10
C ILE A 142 15.97 10.26 11.87
N LEU A 143 16.13 11.07 12.90
CA LEU A 143 16.73 12.37 12.71
C LEU A 143 18.22 12.29 13.01
N PHE A 144 19.05 12.58 12.02
CA PHE A 144 20.50 12.66 12.17
C PHE A 144 20.92 14.12 12.20
N LEU A 145 21.40 14.57 13.35
CA LEU A 145 21.93 15.91 13.50
C LEU A 145 23.42 15.89 13.16
N ASN A 146 23.74 16.03 11.88
CA ASN A 146 25.09 15.74 11.46
C ASN A 146 26.03 16.91 11.75
N LYS A 147 27.33 16.64 11.57
CA LYS A 147 28.38 17.67 11.70
C LYS A 147 28.44 18.28 13.10
N GLN A 148 28.44 17.41 14.11
CA GLN A 148 28.53 17.89 15.48
C GLN A 148 29.91 18.46 15.81
N ASP A 149 30.96 17.95 15.17
CA ASP A 149 32.28 18.49 15.42
C ASP A 149 32.39 19.93 14.97
N LEU A 150 31.82 20.26 13.80
CA LEU A 150 31.81 21.64 13.35
C LEU A 150 30.99 22.50 14.28
N LEU A 151 29.90 21.94 14.80
CA LEU A 151 29.09 22.67 15.76
C LEU A 151 29.90 23.00 16.99
N ALA A 152 30.66 22.02 17.51
CA ALA A 152 31.50 22.30 18.66
C ALA A 152 32.56 23.34 18.35
N GLU A 153 33.10 23.31 17.13
CA GLU A 153 34.08 24.33 16.75
C GLU A 153 33.45 25.72 16.81
N LYS A 154 32.24 25.84 16.26
CA LYS A 154 31.58 27.13 16.22
C LYS A 154 31.21 27.58 17.63
N VAL A 155 30.82 26.62 18.47
CA VAL A 155 30.42 26.96 19.83
C VAL A 155 31.62 27.45 20.61
N LEU A 156 32.77 26.78 20.46
CA LEU A 156 33.94 27.25 21.18
C LEU A 156 34.42 28.58 20.61
N ALA A 157 34.21 28.82 19.32
CA ALA A 157 34.60 30.11 18.77
C ALA A 157 33.72 31.23 19.32
N GLY A 158 32.42 30.97 19.44
CA GLY A 158 31.55 31.98 20.01
C GLY A 158 31.38 33.19 19.14
N LYS A 159 31.50 33.03 17.81
CA LYS A 159 31.32 34.16 16.91
C LYS A 159 29.93 34.32 16.33
N SER A 160 29.25 33.25 15.98
CA SER A 160 27.87 33.32 15.52
C SER A 160 26.98 32.58 16.51
N LYS A 161 26.23 33.34 17.30
CA LYS A 161 25.41 32.74 18.34
C LYS A 161 23.99 32.53 17.83
N ILE A 162 23.38 31.44 18.29
CA ILE A 162 22.07 31.04 17.79
C ILE A 162 21.02 32.06 18.19
N GLU A 163 21.22 32.73 19.33
CA GLU A 163 20.20 33.64 19.81
C GLU A 163 20.03 34.78 18.85
N ASP A 164 21.07 35.07 18.06
CA ASP A 164 20.93 36.14 17.10
C ASP A 164 19.95 35.73 16.01
N TYR A 165 19.82 34.42 15.79
CA TYR A 165 18.86 33.94 14.81
C TYR A 165 17.63 33.38 15.49
N PHE A 166 17.83 32.73 16.63
CA PHE A 166 16.75 32.18 17.45
C PHE A 166 16.90 32.68 18.87
N PRO A 167 16.30 33.82 19.19
CA PRO A 167 16.46 34.40 20.54
C PRO A 167 15.97 33.48 21.65
N GLU A 168 15.12 32.51 21.34
CA GLU A 168 14.69 31.56 22.37
C GLU A 168 15.88 30.84 23.00
N PHE A 169 16.98 30.68 22.26
CA PHE A 169 18.09 29.94 22.82
C PHE A 169 18.62 30.60 24.06
N ALA A 170 18.35 31.90 24.22
CA ALA A 170 18.84 32.61 25.38
C ALA A 170 18.17 32.11 26.65
N ARG A 171 16.89 31.81 26.58
CA ARG A 171 16.14 31.34 27.74
C ARG A 171 16.10 29.83 27.86
N TYR A 172 16.82 29.12 27.01
CA TYR A 172 16.79 27.66 27.01
C TYR A 172 17.65 27.07 28.11
N THR A 173 17.13 26.04 28.77
CA THR A 173 17.83 25.35 29.84
C THR A 173 18.19 23.94 29.42
N THR A 174 19.43 23.54 29.66
CA THR A 174 19.85 22.18 29.36
C THR A 174 18.95 21.19 30.10
N PRO A 175 18.40 20.20 29.41
CA PRO A 175 17.50 19.27 30.09
C PRO A 175 18.24 18.49 31.16
N GLU A 176 17.52 18.14 32.23
CA GLU A 176 18.10 17.32 33.29
C GLU A 176 18.26 15.87 32.88
N ASP A 177 17.75 15.47 31.72
CA ASP A 177 17.89 14.09 31.30
C ASP A 177 19.02 13.91 30.30
N ALA A 178 19.78 14.97 30.06
CA ALA A 178 20.82 14.91 29.04
C ALA A 178 21.93 13.96 29.47
N THR A 179 22.46 13.20 28.53
CA THR A 179 23.54 12.28 28.87
C THR A 179 24.71 12.68 27.99
N PRO A 180 25.47 13.67 28.42
CA PRO A 180 26.63 14.11 27.64
C PRO A 180 27.79 13.15 27.72
N GLU A 181 28.56 13.14 26.64
CA GLU A 181 29.74 12.30 26.57
C GLU A 181 30.82 12.92 27.43
N PRO A 182 31.81 12.13 27.86
CA PRO A 182 32.87 12.65 28.73
C PRO A 182 33.64 13.81 28.12
N GLY A 183 33.67 14.92 28.85
CA GLY A 183 34.36 16.12 28.45
C GLY A 183 33.57 17.07 27.58
N GLU A 184 32.25 16.99 27.59
CA GLU A 184 31.47 17.85 26.71
C GLU A 184 31.23 19.19 27.37
N ASP A 185 31.49 20.26 26.64
CA ASP A 185 31.27 21.58 27.19
C ASP A 185 29.76 21.79 27.36
N PRO A 186 29.32 22.29 28.52
CA PRO A 186 27.89 22.55 28.68
C PRO A 186 27.33 23.46 27.62
N ARG A 187 28.15 24.33 27.03
CA ARG A 187 27.66 25.13 25.92
C ARG A 187 27.38 24.23 24.73
N VAL A 188 28.26 23.27 24.46
CA VAL A 188 28.02 22.36 23.35
C VAL A 188 26.85 21.45 23.64
N THR A 189 26.74 20.99 24.87
CA THR A 189 25.61 20.14 25.22
C THR A 189 24.31 20.92 25.04
N ARG A 190 24.31 22.18 25.46
CA ARG A 190 23.11 22.97 25.34
C ARG A 190 22.80 23.25 23.90
N ALA A 191 23.83 23.38 23.07
CA ALA A 191 23.58 23.66 21.67
C ALA A 191 22.97 22.46 20.99
N LYS A 192 23.56 21.28 21.19
CA LYS A 192 23.03 20.14 20.45
C LYS A 192 21.69 19.69 21.00
N TYR A 193 21.44 19.88 22.27
CA TYR A 193 20.12 19.53 22.76
C TYR A 193 19.11 20.60 22.43
N PHE A 194 19.58 21.82 22.19
CA PHE A 194 18.67 22.85 21.72
C PHE A 194 18.22 22.54 20.31
N ILE A 195 19.14 22.17 19.44
CA ILE A 195 18.72 21.78 18.10
C ILE A 195 17.80 20.56 18.16
N ARG A 196 18.10 19.63 19.07
CA ARG A 196 17.24 18.47 19.20
C ARG A 196 15.83 18.91 19.55
N ASP A 197 15.70 19.83 20.50
CA ASP A 197 14.36 20.18 20.92
C ASP A 197 13.69 21.10 19.93
N GLU A 198 14.47 21.78 19.08
CA GLU A 198 13.84 22.58 18.05
C GLU A 198 13.17 21.69 17.03
N PHE A 199 13.76 20.53 16.77
CA PHE A 199 13.10 19.62 15.85
C PHE A 199 12.02 18.80 16.54
N LEU A 200 12.21 18.52 17.83
CA LEU A 200 11.21 17.79 18.59
C LEU A 200 9.95 18.61 18.80
N ARG A 201 10.07 19.93 18.87
CA ARG A 201 8.88 20.76 18.97
C ARG A 201 7.99 20.63 17.73
N ILE A 202 8.57 20.31 16.58
CA ILE A 202 7.76 20.05 15.40
C ILE A 202 7.24 18.63 15.41
N SER A 203 8.10 17.72 15.82
CA SER A 203 7.74 16.31 15.78
C SER A 203 6.66 15.95 16.77
N THR A 204 6.60 16.61 17.91
CA THR A 204 5.60 16.30 18.91
C THR A 204 4.26 16.98 18.73
N ALA A 205 4.12 17.91 17.78
CA ALA A 205 2.81 18.52 17.65
C ALA A 205 1.83 17.54 17.04
N SER A 206 2.02 17.20 15.77
CA SER A 206 1.18 16.28 15.03
C SER A 206 0.65 15.17 15.93
N GLY A 207 1.55 14.42 16.54
CA GLY A 207 1.15 13.37 17.46
C GLY A 207 0.52 12.23 16.72
N ASP A 208 -0.63 11.77 17.21
CA ASP A 208 -1.43 10.73 16.55
C ASP A 208 -0.78 9.35 16.63
N GLY A 209 0.45 9.26 17.14
CA GLY A 209 0.99 7.93 17.31
C GLY A 209 1.24 7.15 16.04
N ARG A 210 0.91 7.71 14.87
CA ARG A 210 1.16 6.96 13.63
C ARG A 210 2.63 6.91 13.26
N HIS A 211 3.43 7.88 13.68
CA HIS A 211 4.84 7.81 13.35
C HIS A 211 5.61 8.65 14.37
N TYR A 212 6.90 8.40 14.46
CA TYR A 212 7.72 9.01 15.49
C TYR A 212 9.03 9.49 14.88
N CYS A 213 9.77 10.27 15.65
CA CYS A 213 11.06 10.78 15.23
C CYS A 213 12.11 10.31 16.22
N TYR A 214 13.23 9.81 15.72
CA TYR A 214 14.24 9.24 16.61
C TYR A 214 15.48 10.08 16.42
N PRO A 215 15.76 11.03 17.29
CA PRO A 215 16.91 11.89 17.09
C PRO A 215 18.21 11.19 17.44
N HIS A 216 19.26 11.58 16.75
CA HIS A 216 20.60 11.05 16.99
C HIS A 216 21.61 12.13 16.68
N PHE A 217 22.60 12.27 17.54
CA PHE A 217 23.69 13.20 17.28
C PHE A 217 24.77 12.43 16.55
N THR A 218 25.06 12.84 15.33
CA THR A 218 25.97 12.10 14.48
C THR A 218 27.02 12.98 13.83
N CYS A 219 28.14 12.37 13.48
CA CYS A 219 29.13 12.99 12.62
C CYS A 219 29.43 12.00 11.50
N ALA A 220 30.08 12.50 10.44
CA ALA A 220 30.22 11.69 9.24
C ALA A 220 31.18 10.52 9.45
N VAL A 221 32.04 10.60 10.46
CA VAL A 221 33.04 9.58 10.66
C VAL A 221 32.58 8.52 11.67
N ASP A 222 31.42 8.72 12.27
CA ASP A 222 30.93 7.76 13.25
C ASP A 222 30.70 6.43 12.55
N THR A 223 31.12 5.34 13.19
CA THR A 223 31.05 4.03 12.55
C THR A 223 29.83 3.23 12.96
N GLU A 224 29.26 3.49 14.14
CA GLU A 224 28.11 2.73 14.59
C GLU A 224 26.83 3.20 13.92
N ASN A 225 26.94 4.00 12.87
CA ASN A 225 25.76 4.55 12.24
C ASN A 225 25.03 3.58 11.50
N ALA A 226 25.39 2.32 11.62
CA ALA A 226 24.57 1.22 11.15
C ALA A 226 23.79 0.58 12.28
N ARG A 227 24.42 0.43 13.43
CA ARG A 227 23.70 -0.08 14.59
C ARG A 227 22.57 0.84 14.98
N ARG A 228 22.72 2.14 14.73
CA ARG A 228 21.64 3.04 15.06
C ARG A 228 20.47 2.85 14.13
N ILE A 229 20.73 2.74 12.83
CA ILE A 229 19.65 2.51 11.89
C ILE A 229 19.03 1.14 12.12
N PHE A 230 19.82 0.15 12.48
CA PHE A 230 19.27 -1.16 12.78
C PHE A 230 18.36 -1.11 14.00
N ASN A 231 18.88 -0.60 15.11
CA ASN A 231 18.08 -0.47 16.31
C ASN A 231 16.78 0.24 16.02
N ASP A 232 16.84 1.33 15.27
CA ASP A 232 15.63 2.12 15.17
C ASP A 232 14.66 1.55 14.15
N CYS A 233 15.13 0.87 13.12
CA CYS A 233 14.18 0.15 12.28
C CYS A 233 13.49 -0.92 13.09
N ARG A 234 14.23 -1.59 13.98
CA ARG A 234 13.61 -2.58 14.84
C ARG A 234 12.56 -1.94 15.75
N ASP A 235 12.86 -0.77 16.31
CA ASP A 235 11.85 -0.10 17.13
C ASP A 235 10.63 0.30 16.33
N ILE A 236 10.82 0.73 15.09
CA ILE A 236 9.69 1.10 14.27
C ILE A 236 8.81 -0.12 14.02
N ILE A 237 9.44 -1.26 13.75
CA ILE A 237 8.63 -2.46 13.53
C ILE A 237 7.94 -2.89 14.82
N GLN A 238 8.63 -2.80 15.96
CA GLN A 238 7.96 -3.11 17.21
C GLN A 238 6.74 -2.24 17.41
N ARG A 239 6.86 -0.94 17.21
CA ARG A 239 5.71 -0.11 17.47
C ARG A 239 4.62 -0.31 16.44
N MET A 240 4.97 -0.67 15.21
CA MET A 240 3.92 -1.00 14.27
C MET A 240 3.17 -2.24 14.72
N HIS A 241 3.89 -3.24 15.21
CA HIS A 241 3.21 -4.45 15.65
C HIS A 241 2.39 -4.21 16.90
N LEU A 242 2.85 -3.33 17.77
CA LEU A 242 2.06 -3.01 18.93
C LEU A 242 0.78 -2.31 18.51
N ARG A 243 0.88 -1.17 17.85
CA ARG A 243 -0.34 -0.50 17.45
C ARG A 243 -1.22 -1.36 16.56
N GLN A 244 -0.69 -2.43 15.98
CA GLN A 244 -1.56 -3.28 15.20
C GLN A 244 -2.47 -4.10 16.11
N TYR A 245 -1.93 -4.63 17.21
CA TYR A 245 -2.71 -5.39 18.18
C TYR A 245 -3.31 -4.50 19.23
N GLU A 246 -3.39 -3.20 18.96
CA GLU A 246 -4.04 -2.24 19.82
C GLU A 246 -3.39 -2.16 21.19
N LEU A 247 -2.27 -2.83 21.40
CA LEU A 247 -1.57 -2.72 22.66
C LEU A 247 -1.12 -1.29 22.88
N LEU A 248 -0.17 -0.83 22.08
CA LEU A 248 0.34 0.52 22.25
C LEU A 248 -0.69 1.47 21.68
N PHE B 47 -42.52 -25.64 30.31
CA PHE B 47 -42.55 -24.58 31.29
C PHE B 47 -41.74 -23.37 30.79
N SER B 48 -41.85 -22.27 31.53
CA SER B 48 -41.15 -21.04 31.22
C SER B 48 -39.63 -21.16 31.27
N VAL B 49 -39.07 -21.67 32.36
CA VAL B 49 -37.62 -21.79 32.43
C VAL B 49 -37.09 -22.74 31.37
N ARG B 50 -37.80 -23.84 31.11
CA ARG B 50 -37.24 -24.79 30.17
C ARG B 50 -37.21 -24.21 28.77
N ILE B 51 -38.31 -23.58 28.36
CA ILE B 51 -38.35 -23.00 27.03
C ILE B 51 -37.43 -21.79 26.91
N LEU B 52 -37.26 -21.02 27.99
CA LEU B 52 -36.35 -19.89 27.92
C LEU B 52 -34.90 -20.36 27.77
N THR B 53 -34.51 -21.36 28.54
CA THR B 53 -33.18 -21.91 28.35
C THR B 53 -33.02 -22.41 26.93
N ALA B 54 -34.06 -23.03 26.38
CA ALA B 54 -33.98 -23.53 25.02
C ALA B 54 -33.75 -22.41 24.02
N CYS B 55 -34.53 -21.34 24.11
CA CYS B 55 -34.40 -20.26 23.13
C CYS B 55 -33.09 -19.51 23.28
N PHE B 56 -32.65 -19.26 24.52
CA PHE B 56 -31.38 -18.58 24.69
C PHE B 56 -30.23 -19.42 24.18
N LEU B 57 -30.26 -20.72 24.44
CA LEU B 57 -29.19 -21.57 23.98
C LEU B 57 -29.18 -21.63 22.47
N SER B 58 -30.34 -21.67 21.85
CA SER B 58 -30.37 -21.65 20.39
C SER B 58 -29.78 -20.34 19.87
N LEU B 59 -30.07 -19.24 20.56
CA LEU B 59 -29.47 -17.97 20.15
C LEU B 59 -27.96 -18.01 20.30
N LEU B 60 -27.49 -18.64 21.36
CA LEU B 60 -26.05 -18.72 21.58
C LEU B 60 -25.40 -19.51 20.47
N ILE B 61 -25.98 -20.66 20.14
CA ILE B 61 -25.45 -21.46 19.06
C ILE B 61 -25.47 -20.69 17.75
N LEU B 62 -26.57 -20.02 17.46
CA LEU B 62 -26.68 -19.30 16.19
C LEU B 62 -25.67 -18.17 16.12
N SER B 63 -25.41 -17.52 17.24
CA SER B 63 -24.44 -16.44 17.27
C SER B 63 -23.05 -16.99 17.02
N THR B 64 -22.70 -18.09 17.69
CA THR B 64 -21.42 -18.73 17.44
C THR B 64 -21.27 -19.02 15.96
N LEU B 65 -22.26 -19.70 15.39
CA LEU B 65 -22.18 -20.07 13.98
C LEU B 65 -22.01 -18.84 13.11
N LEU B 66 -22.79 -17.80 13.36
CA LEU B 66 -22.71 -16.64 12.49
C LEU B 66 -21.35 -15.98 12.59
N GLY B 67 -20.86 -15.70 13.80
CA GLY B 67 -19.57 -15.06 13.94
C GLY B 67 -18.45 -15.85 13.30
N ASN B 68 -18.40 -17.15 13.58
CA ASN B 68 -17.26 -17.90 13.06
C ASN B 68 -17.38 -18.16 11.56
N THR B 69 -18.58 -18.39 11.06
CA THR B 69 -18.71 -18.55 9.62
C THR B 69 -18.44 -17.24 8.91
N LEU B 70 -18.71 -16.14 9.57
CA LEU B 70 -18.39 -14.85 8.99
C LEU B 70 -16.89 -14.69 8.90
N VAL B 71 -16.18 -15.06 9.96
CA VAL B 71 -14.72 -14.98 9.88
C VAL B 71 -14.15 -15.85 8.77
N CYS B 72 -14.59 -17.11 8.70
CA CYS B 72 -14.00 -17.97 7.66
C CYS B 72 -14.36 -17.47 6.27
N ALA B 73 -15.58 -16.96 6.10
CA ALA B 73 -15.99 -16.44 4.81
C ALA B 73 -15.26 -15.15 4.48
N ALA B 74 -15.14 -14.24 5.45
CA ALA B 74 -14.41 -13.01 5.21
C ALA B 74 -12.97 -13.31 4.84
N VAL B 75 -12.44 -14.44 5.28
CA VAL B 75 -11.09 -14.79 4.85
C VAL B 75 -11.11 -15.35 3.44
N ILE B 76 -12.02 -16.28 3.18
CA ILE B 76 -12.02 -16.96 1.89
C ILE B 76 -12.38 -15.98 0.77
N ARG B 77 -13.30 -15.04 1.05
CA ARG B 77 -13.74 -14.14 -0.01
C ARG B 77 -12.64 -13.15 -0.34
N PHE B 78 -11.97 -12.62 0.68
CA PHE B 78 -11.01 -11.54 0.47
C PHE B 78 -9.62 -12.13 0.56
N ARG B 79 -8.87 -12.11 -0.53
CA ARG B 79 -7.53 -12.67 -0.46
C ARG B 79 -6.53 -11.74 0.22
N HIS B 80 -6.84 -10.45 0.33
CA HIS B 80 -5.91 -9.58 1.02
C HIS B 80 -5.95 -9.73 2.53
N LEU B 81 -6.93 -10.45 3.06
CA LEU B 81 -6.86 -10.80 4.47
C LEU B 81 -6.14 -12.11 4.66
N ARG B 82 -6.27 -12.99 3.68
CA ARG B 82 -5.58 -14.27 3.72
C ARG B 82 -4.14 -14.11 3.34
N SER B 83 -3.76 -12.88 2.98
CA SER B 83 -2.44 -12.61 2.42
C SER B 83 -1.36 -12.81 3.49
N LYS B 84 -1.61 -12.32 4.69
CA LYS B 84 -0.57 -12.37 5.71
C LYS B 84 -0.48 -13.78 6.26
N VAL B 85 0.27 -13.96 7.34
CA VAL B 85 0.42 -15.30 7.91
C VAL B 85 -0.29 -15.41 9.25
N THR B 86 -0.19 -14.39 10.09
CA THR B 86 -0.92 -14.33 11.35
C THR B 86 -2.39 -14.61 11.20
N ASN B 87 -2.97 -14.27 10.07
CA ASN B 87 -4.35 -14.57 9.76
C ASN B 87 -4.64 -16.05 9.64
N PHE B 88 -3.67 -16.85 9.20
CA PHE B 88 -3.90 -18.30 9.19
C PHE B 88 -4.36 -18.80 10.55
N PHE B 89 -3.69 -18.41 11.62
CA PHE B 89 -4.09 -18.92 12.93
C PHE B 89 -5.47 -18.47 13.32
N VAL B 90 -5.84 -17.24 12.97
CA VAL B 90 -7.18 -16.80 13.29
C VAL B 90 -8.20 -17.62 12.54
N ILE B 91 -7.88 -18.01 11.32
CA ILE B 91 -8.79 -18.88 10.58
C ILE B 91 -8.89 -20.22 11.29
N SER B 92 -7.76 -20.75 11.77
CA SER B 92 -7.79 -21.99 12.51
C SER B 92 -8.72 -21.88 13.71
N LEU B 93 -8.64 -20.76 14.40
CA LEU B 93 -9.51 -20.55 15.55
C LEU B 93 -10.96 -20.55 15.11
N ALA B 94 -11.26 -19.84 14.03
CA ALA B 94 -12.64 -19.77 13.57
C ALA B 94 -13.16 -21.16 13.22
N VAL B 95 -12.32 -21.97 12.60
CA VAL B 95 -12.74 -23.32 12.24
C VAL B 95 -12.96 -24.16 13.47
N SER B 96 -12.08 -24.03 14.47
CA SER B 96 -12.28 -24.75 15.71
C SER B 96 -13.60 -24.39 16.35
N ASP B 97 -13.95 -23.11 16.34
CA ASP B 97 -15.18 -22.72 16.99
C ASP B 97 -16.38 -23.15 16.17
N LEU B 98 -16.25 -23.13 14.86
CA LEU B 98 -17.34 -23.62 14.03
C LEU B 98 -17.61 -25.11 14.24
N LEU B 99 -16.54 -25.89 14.42
CA LEU B 99 -16.76 -27.28 14.77
C LEU B 99 -17.44 -27.42 16.11
N VAL B 100 -16.96 -26.69 17.12
CA VAL B 100 -17.66 -26.69 18.40
C VAL B 100 -19.15 -26.50 18.17
N ALA B 101 -19.49 -25.43 17.47
CA ALA B 101 -20.88 -25.14 17.21
C ALA B 101 -21.59 -26.30 16.55
N VAL B 102 -21.24 -26.62 15.32
CA VAL B 102 -22.09 -27.49 14.52
C VAL B 102 -22.12 -28.88 15.12
N LEU B 103 -21.00 -29.34 15.67
CA LEU B 103 -20.96 -30.68 16.20
C LEU B 103 -21.40 -30.83 17.64
N VAL B 104 -20.83 -30.09 18.58
CA VAL B 104 -20.95 -30.41 19.99
C VAL B 104 -22.14 -29.74 20.64
N MET B 105 -22.35 -28.47 20.36
CA MET B 105 -23.28 -27.71 21.20
C MET B 105 -24.73 -28.17 21.04
N PRO B 106 -25.29 -28.28 19.84
CA PRO B 106 -26.74 -28.50 19.75
C PRO B 106 -27.19 -29.78 20.41
N TRP B 107 -26.41 -30.85 20.28
CA TRP B 107 -26.81 -32.10 20.90
C TRP B 107 -26.83 -31.98 22.40
N LYS B 108 -25.85 -31.28 22.97
CA LYS B 108 -25.90 -31.12 24.41
C LYS B 108 -27.10 -30.28 24.81
N ALA B 109 -27.46 -29.29 24.00
CA ALA B 109 -28.64 -28.50 24.34
C ALA B 109 -29.92 -29.32 24.29
N VAL B 110 -30.06 -30.16 23.27
CA VAL B 110 -31.25 -31.00 23.21
C VAL B 110 -31.28 -31.96 24.37
N ALA B 111 -30.15 -32.61 24.68
CA ALA B 111 -30.13 -33.51 25.82
C ALA B 111 -30.41 -32.79 27.12
N GLU B 112 -30.08 -31.51 27.19
CA GLU B 112 -30.37 -30.77 28.42
C GLU B 112 -31.85 -30.45 28.50
N ILE B 113 -32.47 -30.18 27.37
CA ILE B 113 -33.89 -29.87 27.36
C ILE B 113 -34.71 -31.13 27.61
N ALA B 114 -34.56 -32.11 26.73
CA ALA B 114 -35.36 -33.32 26.84
C ALA B 114 -35.00 -34.13 28.08
N GLY B 115 -33.77 -34.02 28.57
CA GLY B 115 -33.34 -34.76 29.73
C GLY B 115 -32.77 -36.12 29.40
N PHE B 116 -33.13 -36.70 28.26
CA PHE B 116 -32.61 -37.98 27.81
C PHE B 116 -31.89 -37.84 26.48
N TRP B 117 -30.81 -38.61 26.33
CA TRP B 117 -29.96 -38.69 25.16
C TRP B 117 -30.62 -39.55 24.08
N PRO B 118 -31.09 -39.00 22.97
CA PRO B 118 -31.86 -39.83 22.03
C PRO B 118 -31.05 -40.55 20.98
N PHE B 119 -29.90 -40.02 20.57
CA PHE B 119 -29.10 -40.61 19.50
C PHE B 119 -28.45 -41.92 19.95
N GLY B 120 -28.38 -42.14 21.26
CA GLY B 120 -27.90 -43.39 21.83
C GLY B 120 -26.45 -43.67 21.57
N SER B 121 -26.17 -44.77 20.86
CA SER B 121 -24.79 -45.24 20.69
C SER B 121 -23.86 -44.17 20.14
N PHE B 122 -24.41 -43.09 19.61
CA PHE B 122 -23.63 -41.97 19.10
C PHE B 122 -22.76 -41.30 20.16
N CYS B 123 -23.21 -41.20 21.40
CA CYS B 123 -22.69 -40.13 22.25
C CYS B 123 -21.25 -40.37 22.66
N ASN B 124 -20.80 -41.62 22.67
CA ASN B 124 -19.37 -41.85 22.79
C ASN B 124 -18.60 -40.96 21.83
N ILE B 125 -18.84 -41.13 20.53
CA ILE B 125 -18.31 -40.19 19.56
C ILE B 125 -18.55 -38.76 19.99
N TRP B 126 -19.77 -38.42 20.38
CA TRP B 126 -20.04 -37.05 20.74
C TRP B 126 -19.05 -36.56 21.77
N VAL B 127 -18.90 -37.31 22.86
CA VAL B 127 -18.01 -36.81 23.91
C VAL B 127 -16.61 -36.68 23.38
N ALA B 128 -16.17 -37.62 22.55
CA ALA B 128 -14.89 -37.48 21.90
C ALA B 128 -14.80 -36.18 21.12
N PHE B 129 -15.73 -35.97 20.19
CA PHE B 129 -15.75 -34.69 19.50
C PHE B 129 -15.68 -33.55 20.48
N ASP B 130 -16.47 -33.58 21.55
CA ASP B 130 -16.41 -32.51 22.52
C ASP B 130 -14.98 -32.32 22.98
N ILE B 131 -14.39 -33.37 23.52
CA ILE B 131 -13.05 -33.23 24.06
C ILE B 131 -12.11 -32.68 23.00
N MET B 132 -12.36 -33.05 21.73
CA MET B 132 -11.47 -32.59 20.68
C MET B 132 -11.65 -31.12 20.38
N CYS B 133 -12.88 -30.70 20.08
CA CYS B 133 -13.05 -29.34 19.58
C CYS B 133 -12.73 -28.32 20.66
N SER B 134 -13.26 -28.53 21.85
CA SER B 134 -12.95 -27.64 22.96
C SER B 134 -11.49 -27.73 23.35
N THR B 135 -10.73 -28.59 22.71
CA THR B 135 -9.31 -28.55 22.95
C THR B 135 -8.52 -28.01 21.78
N ALA B 136 -9.04 -28.05 20.57
CA ALA B 136 -8.31 -27.33 19.54
C ALA B 136 -8.48 -25.84 19.69
N SER B 137 -9.51 -25.46 20.43
CA SER B 137 -9.77 -24.05 20.63
C SER B 137 -8.75 -23.53 21.60
N ILE B 138 -8.72 -24.08 22.79
CA ILE B 138 -7.74 -23.57 23.71
C ILE B 138 -6.38 -23.64 23.05
N LEU B 139 -6.02 -24.82 22.54
CA LEU B 139 -4.77 -24.93 21.81
C LEU B 139 -4.55 -23.77 20.86
N ASN B 140 -5.50 -23.50 19.99
CA ASN B 140 -5.26 -22.44 19.02
C ASN B 140 -4.94 -21.11 19.68
N LEU B 141 -5.67 -20.70 20.71
CA LEU B 141 -5.32 -19.48 21.41
C LEU B 141 -3.85 -19.47 21.77
N CYS B 142 -3.38 -20.52 22.42
CA CYS B 142 -1.96 -20.60 22.74
C CYS B 142 -1.11 -20.21 21.55
N VAL B 143 -1.29 -20.89 20.43
CA VAL B 143 -0.51 -20.60 19.24
C VAL B 143 -0.60 -19.12 18.87
N ILE B 144 -1.81 -18.60 18.73
CA ILE B 144 -1.93 -17.20 18.36
C ILE B 144 -1.15 -16.33 19.30
N SER B 145 -1.28 -16.58 20.60
CA SER B 145 -0.52 -15.81 21.55
C SER B 145 0.97 -15.93 21.27
N VAL B 146 1.50 -17.14 21.22
CA VAL B 146 2.92 -17.26 20.92
C VAL B 146 3.25 -16.54 19.61
N ASP B 147 2.39 -16.66 18.60
CA ASP B 147 2.66 -15.95 17.36
C ASP B 147 2.95 -14.48 17.64
N ARG B 148 2.02 -13.80 18.31
CA ARG B 148 2.21 -12.39 18.58
C ARG B 148 3.54 -12.15 19.27
N TYR B 149 3.90 -13.00 20.23
CA TYR B 149 5.16 -12.78 20.93
C TYR B 149 6.32 -12.79 19.96
N TRP B 150 6.34 -13.76 19.06
CA TRP B 150 7.46 -13.83 18.12
C TRP B 150 7.52 -12.58 17.28
N ALA B 151 6.37 -11.95 17.06
CA ALA B 151 6.37 -10.76 16.25
C ALA B 151 6.58 -9.49 17.06
N ILE B 152 6.86 -9.59 18.35
CA ILE B 152 7.15 -8.39 19.13
C ILE B 152 8.47 -8.48 19.86
N SER B 153 8.94 -9.68 20.19
CA SER B 153 10.22 -9.78 20.88
C SER B 153 11.39 -9.89 19.93
N SER B 154 11.15 -10.26 18.68
CA SER B 154 12.20 -10.41 17.70
C SER B 154 11.59 -10.20 16.33
N PRO B 155 11.32 -8.94 15.98
CA PRO B 155 10.60 -8.66 14.74
C PRO B 155 11.36 -9.05 13.51
N PHE B 156 12.67 -8.85 13.48
CA PHE B 156 13.45 -9.22 12.31
C PHE B 156 13.48 -10.73 12.12
N ARG B 157 13.88 -11.48 13.13
CA ARG B 157 13.86 -12.93 13.00
C ARG B 157 12.49 -13.41 12.57
N TYR B 158 11.42 -12.81 13.08
CA TYR B 158 10.09 -13.24 12.69
C TYR B 158 9.84 -13.13 11.19
N GLU B 159 10.04 -11.97 10.59
CA GLU B 159 9.67 -11.84 9.19
C GLU B 159 10.46 -12.77 8.28
N ARG B 160 11.60 -13.26 8.76
CA ARG B 160 12.46 -14.19 8.05
C ARG B 160 12.06 -15.64 8.25
N LYS B 161 11.90 -16.05 9.50
CA LYS B 161 11.77 -17.46 9.85
C LYS B 161 10.34 -17.95 9.69
N MET B 162 9.35 -17.13 9.98
CA MET B 162 7.96 -17.58 9.90
C MET B 162 7.50 -17.64 8.46
N THR B 163 7.76 -18.72 7.87
CA THR B 163 7.23 -18.94 6.53
C THR B 163 5.96 -19.75 6.61
N PRO B 164 5.03 -19.56 5.66
CA PRO B 164 3.76 -20.29 5.72
C PRO B 164 3.94 -21.77 6.01
N LYS B 165 5.12 -22.30 5.72
CA LYS B 165 5.41 -23.68 6.10
C LYS B 165 5.43 -23.83 7.61
N ALA B 166 6.05 -22.90 8.32
CA ALA B 166 6.04 -22.98 9.77
C ALA B 166 4.64 -22.73 10.32
N ALA B 167 3.87 -21.86 9.66
CA ALA B 167 2.50 -21.66 10.08
C ALA B 167 1.70 -22.94 9.99
N PHE B 168 1.83 -23.64 8.88
CA PHE B 168 1.11 -24.90 8.71
C PHE B 168 1.62 -25.94 9.69
N ILE B 169 2.90 -25.89 10.02
CA ILE B 169 3.42 -26.83 10.99
C ILE B 169 2.78 -26.58 12.35
N LEU B 170 2.63 -25.32 12.73
CA LEU B 170 2.00 -25.01 14.00
C LEU B 170 0.52 -25.38 14.02
N ILE B 171 -0.21 -25.04 12.95
CA ILE B 171 -1.61 -25.44 12.87
C ILE B 171 -1.73 -26.95 12.96
N SER B 172 -0.83 -27.66 12.28
CA SER B 172 -0.82 -29.11 12.31
C SER B 172 -0.56 -29.62 13.71
N VAL B 173 0.38 -29.00 14.42
CA VAL B 173 0.66 -29.44 15.77
C VAL B 173 -0.60 -29.32 16.62
N ALA B 174 -1.29 -28.19 16.49
CA ALA B 174 -2.52 -27.99 17.26
C ALA B 174 -3.54 -29.07 16.95
N TRP B 175 -3.86 -29.23 15.67
CA TRP B 175 -4.91 -30.17 15.31
C TRP B 175 -4.55 -31.61 15.63
N THR B 176 -3.30 -31.99 15.45
CA THR B 176 -2.95 -33.38 15.70
C THR B 176 -2.87 -33.66 17.17
N LEU B 177 -2.44 -32.69 17.97
CA LEU B 177 -2.53 -32.91 19.39
C LEU B 177 -3.98 -33.06 19.81
N SER B 178 -4.87 -32.26 19.27
CA SER B 178 -6.28 -32.43 19.61
C SER B 178 -6.81 -33.82 19.23
N VAL B 179 -6.73 -34.17 17.94
CA VAL B 179 -7.31 -35.43 17.47
C VAL B 179 -6.68 -36.62 18.18
N LEU B 180 -5.36 -36.62 18.29
CA LEU B 180 -4.70 -37.71 18.98
C LEU B 180 -5.23 -37.88 20.38
N ILE B 181 -5.04 -36.90 21.25
CA ILE B 181 -5.38 -37.04 22.64
C ILE B 181 -6.86 -37.25 22.85
N SER B 182 -7.71 -36.84 21.92
CA SER B 182 -9.14 -37.02 22.03
C SER B 182 -9.64 -38.37 21.57
N PHE B 183 -9.49 -38.69 20.29
CA PHE B 183 -10.16 -39.85 19.72
C PHE B 183 -9.59 -41.12 20.31
N ILE B 184 -8.28 -41.19 20.38
CA ILE B 184 -7.62 -42.46 20.69
C ILE B 184 -8.08 -43.04 22.01
N PRO B 185 -8.21 -42.27 23.09
CA PRO B 185 -8.71 -42.89 24.33
C PRO B 185 -10.18 -43.19 24.32
N VAL B 186 -10.96 -42.55 23.46
CA VAL B 186 -12.37 -42.89 23.44
C VAL B 186 -12.55 -44.22 22.71
N GLN B 187 -12.12 -44.29 21.45
CA GLN B 187 -12.30 -45.52 20.70
C GLN B 187 -11.59 -46.66 21.39
N LEU B 188 -10.56 -46.35 22.19
CA LEU B 188 -9.96 -47.40 22.98
C LEU B 188 -10.56 -47.48 24.36
N SER B 189 -11.59 -46.68 24.65
CA SER B 189 -12.32 -46.82 25.91
C SER B 189 -11.38 -46.73 27.09
N TRP B 190 -10.48 -45.76 27.09
CA TRP B 190 -9.70 -45.61 28.29
C TRP B 190 -10.27 -44.62 29.29
N HIS B 191 -11.20 -43.78 28.89
CA HIS B 191 -11.65 -42.79 29.85
C HIS B 191 -12.66 -43.39 30.81
N LYS B 192 -13.31 -44.47 30.39
CA LYS B 192 -14.30 -45.12 31.23
C LYS B 192 -13.71 -46.21 32.10
N ALA B 193 -14.16 -46.29 33.35
CA ALA B 193 -13.63 -47.27 34.29
C ALA B 193 -14.23 -48.64 34.00
N ASN B 212 -30.09 -40.71 28.35
CA ASN B 212 -29.02 -39.97 29.00
C ASN B 212 -27.68 -40.60 28.69
N CYS B 213 -26.65 -39.78 28.50
CA CYS B 213 -25.32 -40.31 28.18
C CYS B 213 -24.30 -39.94 29.25
N ASP B 214 -23.60 -40.96 29.76
CA ASP B 214 -22.66 -40.80 30.86
C ASP B 214 -21.46 -39.97 30.42
N SER B 215 -21.37 -38.71 30.82
CA SER B 215 -20.13 -38.00 30.56
C SER B 215 -19.06 -38.06 31.64
N SER B 216 -19.21 -38.88 32.68
CA SER B 216 -18.19 -38.89 33.72
C SER B 216 -16.92 -39.55 33.17
N LEU B 217 -15.86 -38.80 32.89
CA LEU B 217 -14.68 -39.46 32.31
C LEU B 217 -13.98 -40.45 33.24
N SER B 218 -13.02 -39.96 34.03
CA SER B 218 -12.23 -40.74 34.99
C SER B 218 -11.16 -39.90 35.66
N ARG B 219 -10.72 -40.29 36.84
CA ARG B 219 -9.82 -39.43 37.61
C ARG B 219 -8.48 -39.23 36.91
N THR B 220 -7.92 -40.27 36.30
CA THR B 220 -6.64 -40.11 35.63
C THR B 220 -6.80 -39.43 34.28
N TYR B 221 -7.87 -39.75 33.55
CA TYR B 221 -8.01 -39.13 32.24
C TYR B 221 -8.31 -37.65 32.38
N ALA B 222 -9.11 -37.30 33.38
CA ALA B 222 -9.40 -35.90 33.64
C ALA B 222 -8.12 -35.13 33.83
N ILE B 223 -7.28 -35.58 34.76
CA ILE B 223 -6.08 -34.84 35.05
C ILE B 223 -5.16 -34.82 33.84
N SER B 224 -5.07 -35.92 33.10
CA SER B 224 -4.14 -35.94 31.96
C SER B 224 -4.59 -35.01 30.85
N SER B 225 -5.80 -35.22 30.33
CA SER B 225 -6.25 -34.35 29.26
C SER B 225 -6.40 -32.93 29.74
N SER B 226 -6.68 -32.69 31.01
CA SER B 226 -6.74 -31.32 31.48
C SER B 226 -5.37 -30.67 31.52
N VAL B 227 -4.39 -31.29 32.19
CA VAL B 227 -3.05 -30.72 32.18
C VAL B 227 -2.63 -30.37 30.77
N ILE B 228 -2.69 -31.32 29.84
CA ILE B 228 -2.35 -30.95 28.47
C ILE B 228 -3.21 -29.78 28.01
N SER B 229 -4.50 -30.00 27.80
CA SER B 229 -5.31 -29.08 27.03
C SER B 229 -5.44 -27.71 27.63
N PHE B 230 -5.48 -27.58 28.94
CA PHE B 230 -5.59 -26.27 29.56
C PHE B 230 -4.31 -25.75 30.16
N TYR B 231 -3.71 -26.44 31.09
CA TYR B 231 -2.71 -25.84 31.95
C TYR B 231 -1.39 -25.54 31.27
N ILE B 232 -1.09 -26.15 30.13
CA ILE B 232 0.10 -25.74 29.39
C ILE B 232 -0.25 -24.50 28.58
N PRO B 233 -1.35 -24.48 27.83
CA PRO B 233 -1.70 -23.24 27.12
C PRO B 233 -1.93 -22.06 28.02
N VAL B 234 -2.51 -22.22 29.20
CA VAL B 234 -2.73 -21.04 30.00
C VAL B 234 -1.41 -20.53 30.54
N ALA B 235 -0.49 -21.44 30.84
CA ALA B 235 0.82 -21.01 31.28
C ALA B 235 1.53 -20.24 30.18
N ILE B 236 1.54 -20.81 28.98
CA ILE B 236 2.19 -20.14 27.86
C ILE B 236 1.54 -18.80 27.58
N MET B 237 0.22 -18.72 27.64
CA MET B 237 -0.43 -17.46 27.32
C MET B 237 -0.18 -16.40 28.37
N ILE B 238 -0.20 -16.76 29.66
CA ILE B 238 0.08 -15.75 30.66
C ILE B 238 1.52 -15.26 30.54
N VAL B 239 2.46 -16.17 30.34
CA VAL B 239 3.85 -15.77 30.17
C VAL B 239 4.00 -14.85 28.96
N THR B 240 3.42 -15.24 27.83
CA THR B 240 3.55 -14.46 26.62
C THR B 240 2.95 -13.07 26.78
N TYR B 241 1.73 -12.97 27.28
CA TYR B 241 1.13 -11.65 27.32
C TYR B 241 1.78 -10.78 28.38
N THR B 242 2.29 -11.36 29.46
CA THR B 242 3.00 -10.53 30.41
C THR B 242 4.33 -10.06 29.84
N ARG B 243 4.96 -10.87 28.99
CA ARG B 243 6.19 -10.39 28.35
C ARG B 243 5.87 -9.24 27.40
N ILE B 244 4.79 -9.38 26.65
CA ILE B 244 4.37 -8.29 25.77
C ILE B 244 4.06 -7.06 26.60
N TYR B 245 3.53 -7.24 27.79
CA TYR B 245 3.27 -6.08 28.63
C TYR B 245 4.56 -5.40 29.05
N ARG B 246 5.55 -6.18 29.45
CA ARG B 246 6.82 -5.56 29.78
C ARG B 246 7.34 -4.73 28.62
N ILE B 247 7.24 -5.28 27.41
CA ILE B 247 7.77 -4.57 26.25
C ILE B 247 6.99 -3.30 25.99
N ALA B 248 5.66 -3.38 26.03
CA ALA B 248 4.85 -2.21 25.75
C ALA B 248 5.05 -1.13 26.78
N GLN B 249 5.26 -1.52 28.04
CA GLN B 249 5.53 -0.54 29.06
C GLN B 249 6.85 0.15 28.79
N LYS B 250 7.85 -0.62 28.38
CA LYS B 250 9.11 -0.02 28.00
C LYS B 250 8.95 1.02 26.90
N GLN B 251 8.27 0.65 25.82
CA GLN B 251 8.14 1.60 24.71
C GLN B 251 7.35 2.83 25.11
N ILE B 252 6.32 2.66 25.95
CA ILE B 252 5.58 3.84 26.36
C ILE B 252 6.46 4.76 27.18
N ARG B 253 7.22 4.19 28.10
CA ARG B 253 8.13 5.03 28.87
C ARG B 253 9.09 5.79 27.97
N ARG B 254 9.61 5.14 26.91
CA ARG B 254 10.55 5.86 26.06
C ARG B 254 9.87 7.02 25.33
N ILE B 255 8.71 6.75 24.74
CA ILE B 255 7.98 7.81 24.06
C ILE B 255 7.61 8.91 25.02
N ALA B 256 7.26 8.55 26.25
CA ALA B 256 6.92 9.58 27.22
C ALA B 256 8.13 10.44 27.55
N ALA B 257 9.30 9.83 27.63
CA ALA B 257 10.49 10.63 27.85
C ALA B 257 10.63 11.67 26.76
N LEU B 258 10.54 11.23 25.51
CA LEU B 258 10.71 12.17 24.41
C LEU B 258 9.64 13.25 24.41
N GLU B 259 8.39 12.84 24.57
CA GLU B 259 7.32 13.82 24.49
C GLU B 259 7.33 14.80 25.65
N ARG B 260 7.72 14.35 26.85
CA ARG B 260 7.81 15.27 27.96
C ARG B 260 8.95 16.25 27.77
N ALA B 261 10.07 15.77 27.23
CA ALA B 261 11.14 16.68 26.88
C ALA B 261 10.65 17.72 25.88
N ALA B 262 9.94 17.28 24.85
CA ALA B 262 9.43 18.20 23.84
C ALA B 262 8.50 19.26 24.44
N VAL B 263 7.52 18.83 25.23
CA VAL B 263 6.56 19.80 25.74
C VAL B 263 7.21 20.73 26.73
N HIS B 264 8.20 20.26 27.46
CA HIS B 264 8.91 21.15 28.37
C HIS B 264 9.73 22.17 27.59
N PHE B 291 0.57 7.33 30.88
CA PHE B 291 -0.44 6.92 31.83
C PHE B 291 -1.73 6.45 31.20
N LYS B 292 -2.22 7.22 30.23
CA LYS B 292 -3.44 6.82 29.55
C LYS B 292 -3.21 5.62 28.63
N ARG B 293 -2.17 5.70 27.81
CA ARG B 293 -1.85 4.56 26.94
C ARG B 293 -1.46 3.33 27.75
N GLU B 294 -0.81 3.51 28.90
CA GLU B 294 -0.59 2.37 29.78
C GLU B 294 -1.91 1.77 30.21
N THR B 295 -2.89 2.61 30.52
CA THR B 295 -4.20 2.08 30.86
C THR B 295 -4.80 1.35 29.69
N LYS B 296 -4.52 1.81 28.46
CA LYS B 296 -5.02 1.13 27.26
C LYS B 296 -4.40 -0.26 27.10
N VAL B 297 -3.08 -0.34 27.31
CA VAL B 297 -2.41 -1.65 27.31
C VAL B 297 -3.08 -2.56 28.32
N LEU B 298 -3.25 -2.06 29.53
CA LEU B 298 -3.87 -2.88 30.55
C LEU B 298 -5.25 -3.32 30.11
N LYS B 299 -6.01 -2.42 29.50
CA LYS B 299 -7.35 -2.76 29.10
C LYS B 299 -7.35 -3.89 28.09
N THR B 300 -6.51 -3.79 27.07
CA THR B 300 -6.57 -4.81 26.03
C THR B 300 -6.03 -6.15 26.50
N LEU B 301 -4.90 -6.15 27.19
CA LEU B 301 -4.36 -7.41 27.70
C LEU B 301 -5.28 -8.05 28.71
N SER B 302 -5.83 -7.25 29.61
CA SER B 302 -6.77 -7.79 30.57
C SER B 302 -7.99 -8.35 29.87
N VAL B 303 -8.54 -7.64 28.88
CA VAL B 303 -9.69 -8.16 28.17
C VAL B 303 -9.37 -9.51 27.55
N ILE B 304 -8.28 -9.57 26.79
CA ILE B 304 -7.96 -10.80 26.08
C ILE B 304 -7.73 -11.94 27.05
N MET B 305 -6.73 -11.82 27.91
CA MET B 305 -6.40 -12.93 28.78
C MET B 305 -7.50 -13.25 29.78
N GLY B 306 -8.21 -12.25 30.28
CA GLY B 306 -9.22 -12.42 31.29
C GLY B 306 -10.49 -13.02 30.79
N VAL B 307 -10.91 -12.70 29.57
CA VAL B 307 -12.08 -13.38 29.03
C VAL B 307 -11.79 -14.87 28.87
N PHE B 308 -10.66 -15.20 28.26
CA PHE B 308 -10.30 -16.60 28.11
C PHE B 308 -10.29 -17.30 29.45
N VAL B 309 -9.63 -16.72 30.44
CA VAL B 309 -9.53 -17.47 31.68
C VAL B 309 -10.88 -17.53 32.39
N CYS B 310 -11.54 -16.41 32.64
CA CYS B 310 -12.80 -16.41 33.36
C CYS B 310 -13.87 -17.16 32.61
N CYS B 311 -13.63 -17.49 31.35
CA CYS B 311 -14.60 -18.25 30.60
C CYS B 311 -14.31 -19.74 30.65
N TRP B 312 -13.06 -20.16 30.61
CA TRP B 312 -12.79 -21.58 30.55
C TRP B 312 -12.35 -22.12 31.89
N LEU B 313 -11.65 -21.34 32.69
CA LEU B 313 -11.00 -21.88 33.88
C LEU B 313 -11.95 -22.56 34.87
N PRO B 314 -13.13 -22.00 35.21
CA PRO B 314 -13.97 -22.70 36.18
C PRO B 314 -14.33 -24.09 35.73
N PHE B 315 -14.69 -24.24 34.45
CA PHE B 315 -15.07 -25.56 33.99
C PHE B 315 -13.94 -26.53 34.21
N PHE B 316 -12.72 -26.07 34.05
CA PHE B 316 -11.63 -27.00 34.11
C PHE B 316 -11.20 -27.29 35.53
N ILE B 317 -11.31 -26.34 36.46
CA ILE B 317 -11.09 -26.72 37.84
C ILE B 317 -12.17 -27.68 38.32
N LEU B 318 -13.39 -27.56 37.78
CA LEU B 318 -14.40 -28.56 38.11
C LEU B 318 -14.03 -29.90 37.51
N ASN B 319 -13.83 -29.93 36.21
CA ASN B 319 -13.40 -31.14 35.52
C ASN B 319 -12.23 -31.80 36.24
N CYS B 320 -11.39 -31.02 36.90
CA CYS B 320 -10.33 -31.58 37.73
C CYS B 320 -10.88 -32.25 38.98
N ILE B 321 -11.68 -31.51 39.76
CA ILE B 321 -12.01 -31.94 41.12
C ILE B 321 -13.10 -33.01 41.13
N LEU B 322 -14.06 -32.91 40.20
CA LEU B 322 -15.28 -33.70 40.31
C LEU B 322 -15.01 -35.19 40.23
N PRO B 323 -14.41 -35.72 39.16
CA PRO B 323 -14.20 -37.17 39.12
C PRO B 323 -13.38 -37.62 40.29
N PHE B 324 -12.53 -36.72 40.80
CA PHE B 324 -11.73 -37.04 41.99
C PHE B 324 -12.64 -37.15 43.21
N CYS B 325 -13.61 -36.26 43.31
CA CYS B 325 -14.50 -36.13 44.45
C CYS B 325 -15.83 -36.81 44.16
N GLY B 326 -15.78 -37.93 43.44
CA GLY B 326 -16.98 -38.63 43.03
C GLY B 326 -17.84 -39.12 44.17
N PHE B 333 -18.32 -29.35 49.18
CA PHE B 333 -17.12 -29.56 48.39
C PHE B 333 -17.47 -29.97 46.97
N CYS B 334 -18.27 -31.02 46.83
CA CYS B 334 -18.67 -31.44 45.49
C CYS B 334 -19.86 -30.61 45.01
N ILE B 335 -20.16 -30.75 43.72
CA ILE B 335 -21.20 -29.98 43.06
C ILE B 335 -22.12 -30.95 42.33
N ASP B 336 -23.13 -30.40 41.65
CA ASP B 336 -24.10 -31.23 40.95
C ASP B 336 -23.94 -31.15 39.44
N SER B 337 -24.73 -31.99 38.74
CA SER B 337 -24.65 -32.08 37.29
C SER B 337 -25.10 -30.81 36.60
N ASN B 338 -26.06 -30.09 37.20
CA ASN B 338 -26.59 -28.91 36.53
C ASN B 338 -25.56 -27.79 36.54
N THR B 339 -24.90 -27.63 37.68
CA THR B 339 -23.85 -26.63 37.78
C THR B 339 -22.71 -26.98 36.84
N PHE B 340 -22.29 -28.24 36.83
CA PHE B 340 -21.27 -28.63 35.89
C PHE B 340 -21.71 -28.33 34.47
N ASP B 341 -23.02 -28.43 34.20
CA ASP B 341 -23.47 -28.21 32.84
C ASP B 341 -23.43 -26.73 32.48
N VAL B 342 -23.80 -25.87 33.42
CA VAL B 342 -23.75 -24.44 33.11
C VAL B 342 -22.31 -23.97 32.98
N PHE B 343 -21.41 -24.53 33.78
CA PHE B 343 -20.02 -24.14 33.61
C PHE B 343 -19.45 -24.67 32.31
N VAL B 344 -19.96 -25.81 31.85
CA VAL B 344 -19.65 -26.26 30.50
C VAL B 344 -20.09 -25.22 29.50
N TRP B 345 -21.34 -24.76 29.63
CA TRP B 345 -21.81 -23.77 28.69
C TRP B 345 -20.93 -22.53 28.73
N PHE B 346 -20.36 -22.18 29.88
CA PHE B 346 -19.41 -21.07 29.89
C PHE B 346 -18.20 -21.40 29.03
N GLY B 347 -17.78 -22.65 29.09
CA GLY B 347 -16.64 -23.06 28.29
C GLY B 347 -16.92 -22.87 26.81
N TRP B 348 -18.05 -23.36 26.37
CA TRP B 348 -18.42 -23.16 24.99
C TRP B 348 -18.79 -21.73 24.68
N ALA B 349 -19.11 -20.92 25.70
CA ALA B 349 -19.32 -19.51 25.48
C ALA B 349 -18.05 -18.81 25.02
N ASN B 350 -16.91 -19.18 25.59
CA ASN B 350 -15.69 -18.61 25.03
C ASN B 350 -15.62 -18.90 23.54
N SER B 351 -16.04 -20.09 23.15
CA SER B 351 -16.07 -20.40 21.75
C SER B 351 -16.98 -19.50 20.96
N SER B 352 -17.95 -18.87 21.61
CA SER B 352 -18.76 -17.90 20.90
C SER B 352 -18.07 -16.56 20.78
N LEU B 353 -17.44 -16.13 21.86
CA LEU B 353 -16.83 -14.80 21.90
C LEU B 353 -15.53 -14.68 21.13
N ASN B 354 -14.86 -15.77 20.82
CA ASN B 354 -13.54 -15.64 20.21
C ASN B 354 -13.46 -14.76 18.97
N PRO B 355 -14.40 -14.78 18.03
CA PRO B 355 -14.27 -13.90 16.87
C PRO B 355 -14.18 -12.44 17.26
N ILE B 356 -15.05 -11.98 18.16
CA ILE B 356 -15.13 -10.55 18.44
C ILE B 356 -13.89 -10.07 19.14
N ILE B 357 -13.16 -10.95 19.81
CA ILE B 357 -11.98 -10.52 20.53
C ILE B 357 -10.73 -10.73 19.70
N TYR B 358 -10.77 -11.63 18.73
CA TYR B 358 -9.59 -11.90 17.91
C TYR B 358 -9.76 -11.52 16.46
N ALA B 359 -10.90 -11.00 16.04
CA ALA B 359 -11.05 -10.66 14.64
C ALA B 359 -11.77 -9.34 14.44
N PHE B 360 -11.49 -8.34 15.25
CA PHE B 360 -12.02 -6.99 15.03
C PHE B 360 -10.93 -5.97 14.79
N ASN B 361 -9.97 -6.30 13.95
CA ASN B 361 -9.13 -5.25 13.40
C ASN B 361 -9.96 -4.42 12.44
N ALA B 362 -9.49 -3.20 12.18
CA ALA B 362 -10.25 -2.29 11.33
C ALA B 362 -10.57 -2.91 9.99
N ASP B 363 -9.58 -3.54 9.38
CA ASP B 363 -9.80 -4.19 8.10
C ASP B 363 -10.79 -5.34 8.24
N PHE B 364 -10.72 -6.08 9.34
CA PHE B 364 -11.74 -7.09 9.59
C PHE B 364 -13.11 -6.46 9.69
N ARG B 365 -13.21 -5.33 10.39
CA ARG B 365 -14.48 -4.64 10.50
C ARG B 365 -15.02 -4.29 9.13
N LYS B 366 -14.17 -3.75 8.26
CA LYS B 366 -14.63 -3.33 6.95
C LYS B 366 -14.99 -4.54 6.09
N ALA B 367 -14.29 -5.65 6.25
CA ALA B 367 -14.68 -6.84 5.51
C ALA B 367 -16.04 -7.34 5.93
N PHE B 368 -16.32 -7.34 7.24
CA PHE B 368 -17.66 -7.70 7.69
C PHE B 368 -18.69 -6.72 7.13
N SER B 369 -18.38 -5.44 7.17
CA SER B 369 -19.30 -4.41 6.72
C SER B 369 -19.57 -4.55 5.23
N THR B 370 -18.57 -4.92 4.45
CA THR B 370 -18.80 -5.08 3.03
C THR B 370 -19.44 -6.41 2.71
N LEU B 371 -19.38 -7.39 3.60
CA LEU B 371 -20.12 -8.61 3.33
C LEU B 371 -21.60 -8.38 3.64
N LEU B 372 -21.90 -8.06 4.89
CA LEU B 372 -23.28 -7.85 5.29
C LEU B 372 -23.84 -6.54 4.77
N GLY B 373 -23.00 -5.52 4.60
CA GLY B 373 -23.44 -4.25 4.09
C GLY B 373 -24.15 -3.56 5.25
N SER C 18 -3.61 53.24 -12.27
CA SER C 18 -2.40 52.51 -11.94
C SER C 18 -1.22 53.01 -12.76
N GLY C 19 -0.58 52.10 -13.49
CA GLY C 19 0.56 52.47 -14.32
C GLY C 19 1.69 51.47 -14.39
N SER C 20 1.76 50.54 -13.43
CA SER C 20 2.83 49.55 -13.39
C SER C 20 2.45 48.34 -14.25
N GLU C 21 3.20 48.14 -15.33
CA GLU C 21 2.83 47.17 -16.36
C GLU C 21 2.67 45.75 -15.81
N LEU C 22 3.27 45.41 -14.68
CA LEU C 22 3.03 44.08 -14.11
C LEU C 22 1.60 43.93 -13.60
N ASP C 23 1.06 44.94 -12.94
CA ASP C 23 -0.32 44.84 -12.48
C ASP C 23 -1.27 44.94 -13.65
N GLN C 24 -0.83 45.60 -14.74
CA GLN C 24 -1.65 45.71 -15.93
C GLN C 24 -1.63 44.41 -16.70
N LEU C 25 -0.54 43.65 -16.58
CA LEU C 25 -0.47 42.34 -17.20
C LEU C 25 -1.30 41.35 -16.39
N ARG C 26 -1.34 41.51 -15.07
CA ARG C 26 -2.24 40.70 -14.26
C ARG C 26 -3.70 40.99 -14.60
N GLN C 27 -4.02 42.27 -14.82
CA GLN C 27 -5.38 42.64 -15.23
C GLN C 27 -5.72 42.09 -16.60
N GLU C 28 -4.85 42.26 -17.58
CA GLU C 28 -5.13 41.70 -18.91
C GLU C 28 -5.16 40.19 -18.87
N ALA C 29 -4.41 39.57 -17.95
CA ALA C 29 -4.49 38.13 -17.76
C ALA C 29 -5.87 37.68 -17.29
N GLU C 30 -6.39 38.33 -16.23
CA GLU C 30 -7.72 37.95 -15.76
C GLU C 30 -8.77 38.27 -16.81
N GLN C 31 -8.58 39.38 -17.52
CA GLN C 31 -9.47 39.74 -18.62
C GLN C 31 -9.47 38.64 -19.67
N LEU C 32 -8.29 38.10 -19.98
CA LEU C 32 -8.19 37.02 -20.95
C LEU C 32 -8.86 35.77 -20.41
N LYS C 33 -8.75 35.50 -19.10
CA LYS C 33 -9.40 34.29 -18.58
C LYS C 33 -10.92 34.44 -18.66
N ASN C 34 -11.41 35.67 -18.60
CA ASN C 34 -12.86 35.82 -18.69
C ASN C 34 -13.30 35.83 -20.14
N GLN C 35 -12.46 36.34 -21.05
CA GLN C 35 -12.72 36.16 -22.47
C GLN C 35 -12.68 34.68 -22.85
N ILE C 36 -11.81 33.91 -22.20
CA ILE C 36 -11.76 32.46 -22.46
C ILE C 36 -13.00 31.80 -21.90
N ARG C 37 -13.47 32.26 -20.74
CA ARG C 37 -14.68 31.67 -20.19
C ARG C 37 -15.88 31.99 -21.07
N ASP C 38 -15.87 33.16 -21.70
CA ASP C 38 -16.95 33.52 -22.62
C ASP C 38 -16.84 32.73 -23.91
N ALA C 39 -15.63 32.58 -24.44
CA ALA C 39 -15.43 31.78 -25.64
C ALA C 39 -15.74 30.32 -25.38
N ARG C 40 -15.75 29.92 -24.10
CA ARG C 40 -16.09 28.56 -23.74
C ARG C 40 -17.60 28.41 -23.61
N LYS C 41 -18.27 29.42 -23.05
CA LYS C 41 -19.72 29.36 -22.96
C LYS C 41 -20.37 29.58 -24.31
N ALA C 42 -19.66 30.16 -25.28
CA ALA C 42 -20.27 30.31 -26.60
C ALA C 42 -20.48 28.95 -27.23
N CYS C 43 -19.50 28.07 -27.09
CA CYS C 43 -19.60 26.72 -27.61
C CYS C 43 -20.17 25.78 -26.56
N ALA C 44 -20.53 26.29 -25.39
CA ALA C 44 -21.14 25.49 -24.32
C ALA C 44 -22.66 25.55 -24.46
N ASP C 45 -23.13 25.07 -25.61
N ASP C 45 -23.14 25.05 -25.60
CA ASP C 45 -24.55 25.10 -25.92
CA ASP C 45 -24.56 25.13 -25.88
C ASP C 45 -25.31 24.04 -25.13
C ASP C 45 -25.36 24.01 -25.23
N ALA C 46 -24.79 22.82 -25.09
CA ALA C 46 -25.48 21.68 -24.51
C ALA C 46 -24.53 20.94 -23.57
N THR C 47 -25.04 19.88 -22.98
CA THR C 47 -24.24 19.01 -22.12
C THR C 47 -24.21 17.63 -22.75
N LEU C 48 -23.17 16.86 -22.42
CA LEU C 48 -23.04 15.52 -22.97
C LEU C 48 -24.19 14.63 -22.53
N SER C 49 -24.71 14.84 -21.32
CA SER C 49 -25.79 14.00 -20.83
C SER C 49 -27.05 14.22 -21.66
N GLN C 50 -27.33 15.47 -22.01
CA GLN C 50 -28.49 15.75 -22.85
C GLN C 50 -28.33 15.10 -24.22
N ILE C 51 -27.13 15.12 -24.77
CA ILE C 51 -26.95 14.51 -26.08
C ILE C 51 -27.09 12.99 -26.01
N THR C 52 -26.53 12.36 -24.97
CA THR C 52 -26.49 10.91 -24.87
C THR C 52 -27.58 10.32 -24.00
N ASN C 53 -28.65 11.07 -23.72
CA ASN C 53 -29.70 10.51 -22.90
C ASN C 53 -30.51 9.46 -23.64
N ASN C 54 -30.54 9.53 -24.97
CA ASN C 54 -31.30 8.57 -25.74
C ASN C 54 -30.51 7.33 -26.14
N ILE C 55 -29.23 7.24 -25.80
CA ILE C 55 -28.50 6.03 -26.14
C ILE C 55 -28.79 4.93 -25.13
N ASP C 56 -28.56 3.70 -25.54
CA ASP C 56 -28.72 2.52 -24.71
C ASP C 56 -27.44 2.24 -23.91
N PRO C 57 -27.58 1.79 -22.66
CA PRO C 57 -26.39 1.46 -21.88
C PRO C 57 -25.69 0.24 -22.47
N VAL C 58 -24.38 0.18 -22.27
CA VAL C 58 -23.59 -0.92 -22.79
C VAL C 58 -23.95 -2.25 -22.15
N GLY C 59 -24.68 -2.22 -21.04
CA GLY C 59 -25.01 -3.42 -20.30
C GLY C 59 -23.90 -3.81 -19.35
N ARG C 60 -24.17 -4.85 -18.56
CA ARG C 60 -23.17 -5.33 -17.63
C ARG C 60 -21.99 -5.96 -18.38
N ILE C 61 -20.80 -5.49 -18.05
CA ILE C 61 -19.54 -5.96 -18.62
C ILE C 61 -18.76 -6.63 -17.48
N GLN C 62 -18.63 -7.95 -17.54
CA GLN C 62 -17.95 -8.72 -16.51
C GLN C 62 -16.72 -9.40 -17.12
N MET C 63 -15.59 -8.71 -17.10
CA MET C 63 -14.35 -9.34 -17.52
C MET C 63 -13.75 -10.16 -16.38
N ARG C 64 -12.95 -11.15 -16.75
CA ARG C 64 -12.38 -12.05 -15.77
C ARG C 64 -10.88 -12.17 -16.02
N THR C 65 -10.14 -12.49 -14.96
CA THR C 65 -8.71 -12.63 -15.09
C THR C 65 -8.39 -13.88 -15.90
N ARG C 66 -7.76 -13.71 -17.05
CA ARG C 66 -7.42 -14.88 -17.87
C ARG C 66 -5.98 -15.34 -17.69
N ARG C 67 -5.08 -14.44 -17.30
CA ARG C 67 -3.69 -14.77 -17.07
C ARG C 67 -3.20 -13.99 -15.87
N THR C 68 -2.12 -14.48 -15.26
CA THR C 68 -1.42 -13.76 -14.20
C THR C 68 0.06 -13.94 -14.44
N LEU C 69 0.77 -12.83 -14.51
CA LEU C 69 2.17 -12.82 -14.90
C LEU C 69 3.03 -12.47 -13.68
N ARG C 70 3.77 -13.46 -13.20
CA ARG C 70 4.52 -13.34 -11.96
C ARG C 70 6.01 -13.39 -12.27
N GLY C 71 6.80 -12.90 -11.32
CA GLY C 71 8.24 -12.98 -11.39
C GLY C 71 8.78 -11.73 -10.72
N HIS C 72 7.96 -10.69 -10.72
CA HIS C 72 8.39 -9.39 -10.27
C HIS C 72 8.44 -9.39 -8.75
N LEU C 73 9.45 -8.74 -8.21
CA LEU C 73 9.68 -8.76 -6.77
C LEU C 73 9.09 -7.58 -6.04
N ALA C 74 8.51 -6.61 -6.72
CA ALA C 74 7.97 -5.45 -6.03
C ALA C 74 6.78 -4.92 -6.80
N LYS C 75 6.29 -3.76 -6.39
CA LYS C 75 5.10 -3.22 -7.00
C LYS C 75 5.45 -2.73 -8.40
N ILE C 76 4.61 -3.08 -9.35
CA ILE C 76 4.77 -2.73 -10.75
C ILE C 76 4.29 -1.31 -10.98
N TYR C 77 4.95 -0.58 -11.89
CA TYR C 77 4.67 0.82 -12.13
C TYR C 77 4.35 1.16 -13.57
N ALA C 78 4.65 0.28 -14.52
CA ALA C 78 4.37 0.62 -15.90
C ALA C 78 4.24 -0.63 -16.74
N MET C 79 3.47 -0.51 -17.79
CA MET C 79 3.33 -1.56 -18.76
C MET C 79 3.01 -0.93 -20.09
N HIS C 80 3.29 -1.66 -21.15
CA HIS C 80 3.01 -1.13 -22.48
C HIS C 80 2.83 -2.29 -23.44
N TRP C 81 1.69 -2.30 -24.10
CA TRP C 81 1.41 -3.29 -25.12
C TRP C 81 2.30 -3.11 -26.34
N GLY C 82 2.49 -4.20 -27.07
CA GLY C 82 3.14 -4.10 -28.35
C GLY C 82 2.14 -3.81 -29.45
N THR C 83 2.64 -3.57 -30.66
CA THR C 83 1.70 -3.32 -31.74
C THR C 83 0.97 -4.59 -32.14
N ASP C 84 1.64 -5.73 -31.97
CA ASP C 84 1.06 -7.04 -32.27
C ASP C 84 0.01 -7.42 -31.24
N SER C 85 -0.18 -6.61 -30.21
CA SER C 85 -1.10 -6.88 -29.11
C SER C 85 -0.74 -8.15 -28.39
N ARG C 86 0.51 -8.59 -28.54
CA ARG C 86 1.02 -9.80 -27.89
C ARG C 86 2.15 -9.49 -26.92
N LEU C 87 3.17 -8.74 -27.33
CA LEU C 87 4.23 -8.47 -26.38
C LEU C 87 3.92 -7.23 -25.53
N LEU C 88 4.51 -7.23 -24.34
CA LEU C 88 4.40 -6.12 -23.41
C LEU C 88 5.61 -6.12 -22.47
N VAL C 89 5.95 -4.93 -21.99
CA VAL C 89 7.08 -4.72 -21.10
C VAL C 89 6.53 -4.33 -19.73
N SER C 90 7.18 -4.79 -18.68
CA SER C 90 6.75 -4.45 -17.33
C SER C 90 7.92 -4.02 -16.45
N ALA C 91 7.67 -3.00 -15.63
CA ALA C 91 8.66 -2.42 -14.74
C ALA C 91 8.28 -2.57 -13.28
N SER C 92 9.16 -3.18 -12.49
CA SER C 92 9.04 -3.35 -11.05
C SER C 92 10.20 -2.66 -10.35
N GLN C 93 10.03 -2.37 -9.07
CA GLN C 93 11.04 -1.66 -8.32
C GLN C 93 12.10 -2.60 -7.79
N ASP C 94 12.19 -3.79 -8.35
CA ASP C 94 13.32 -4.68 -8.14
C ASP C 94 14.46 -4.47 -9.13
N GLY C 95 14.43 -3.44 -9.96
CA GLY C 95 15.51 -3.29 -10.90
C GLY C 95 15.37 -4.13 -12.13
N LYS C 96 14.15 -4.49 -12.51
CA LYS C 96 13.94 -5.37 -13.64
C LYS C 96 12.98 -4.79 -14.65
N LEU C 97 13.13 -5.28 -15.88
CA LEU C 97 12.29 -4.88 -17.01
C LEU C 97 12.01 -6.17 -17.76
N ILE C 98 10.84 -6.72 -17.54
CA ILE C 98 10.53 -8.05 -18.05
C ILE C 98 9.66 -7.93 -19.28
N ILE C 99 9.96 -8.73 -20.29
CA ILE C 99 9.16 -8.77 -21.51
C ILE C 99 8.37 -10.07 -21.48
N TRP C 100 7.07 -9.98 -21.68
CA TRP C 100 6.21 -11.14 -21.52
C TRP C 100 5.59 -11.53 -22.85
N ASP C 101 5.41 -12.84 -23.03
CA ASP C 101 4.57 -13.39 -24.09
C ASP C 101 3.20 -13.70 -23.53
N SER C 102 2.29 -12.74 -23.69
CA SER C 102 1.01 -12.78 -23.01
C SER C 102 0.19 -14.00 -23.39
N TYR C 103 0.46 -14.62 -24.53
CA TYR C 103 -0.30 -15.80 -24.91
C TYR C 103 0.07 -16.95 -24.00
N THR C 104 1.37 -17.16 -23.77
CA THR C 104 1.85 -18.30 -23.00
C THR C 104 2.36 -17.88 -21.63
N THR C 105 2.22 -16.61 -21.26
CA THR C 105 2.66 -16.07 -19.98
C THR C 105 4.15 -16.29 -19.74
N ASN C 106 4.89 -16.65 -20.78
CA ASN C 106 6.32 -16.82 -20.68
C ASN C 106 7.05 -15.50 -20.82
N LYS C 107 8.22 -15.44 -20.20
CA LYS C 107 9.08 -14.27 -20.27
C LYS C 107 10.08 -14.50 -21.40
N VAL C 108 10.18 -13.53 -22.29
CA VAL C 108 11.10 -13.63 -23.42
C VAL C 108 12.45 -13.06 -23.07
N HIS C 109 12.45 -12.00 -22.28
CA HIS C 109 13.69 -11.40 -21.82
C HIS C 109 13.43 -10.84 -20.43
N ALA C 110 14.49 -10.73 -19.65
CA ALA C 110 14.42 -10.13 -18.33
C ALA C 110 15.65 -9.25 -18.17
N ILE C 111 15.50 -7.97 -18.44
CA ILE C 111 16.64 -7.05 -18.50
C ILE C 111 16.79 -6.42 -17.12
N PRO C 112 17.88 -6.66 -16.41
CA PRO C 112 18.11 -5.91 -15.18
C PRO C 112 18.53 -4.49 -15.50
N LEU C 113 18.06 -3.56 -14.68
CA LEU C 113 18.30 -2.15 -14.92
C LEU C 113 19.29 -1.63 -13.89
N ARG C 114 19.93 -0.51 -14.21
CA ARG C 114 20.84 0.12 -13.26
CA ARG C 114 20.84 0.13 -13.27
C ARG C 114 20.09 0.69 -12.07
N SER C 115 19.20 1.65 -12.32
CA SER C 115 18.41 2.26 -11.27
C SER C 115 17.15 1.45 -11.05
N SER C 116 16.88 1.09 -9.81
CA SER C 116 15.73 0.23 -9.57
C SER C 116 14.42 1.00 -9.49
N TRP C 117 14.46 2.31 -9.42
CA TRP C 117 13.25 3.12 -9.27
C TRP C 117 12.70 3.57 -10.61
N VAL C 118 12.48 2.60 -11.49
CA VAL C 118 11.96 2.92 -12.80
C VAL C 118 10.49 3.33 -12.68
N MET C 119 10.09 4.26 -13.54
CA MET C 119 8.74 4.79 -13.50
C MET C 119 8.02 4.73 -14.84
N THR C 120 8.72 4.52 -15.95
CA THR C 120 8.06 4.43 -17.23
C THR C 120 8.83 3.47 -18.14
N CYS C 121 8.14 3.02 -19.18
CA CYS C 121 8.69 2.13 -20.20
C CYS C 121 7.88 2.27 -21.47
N ALA C 122 8.55 2.23 -22.62
CA ALA C 122 7.87 2.36 -23.89
C ALA C 122 8.26 1.20 -24.80
N TYR C 123 7.47 1.00 -25.84
CA TYR C 123 7.69 -0.08 -26.80
C TYR C 123 7.69 0.42 -28.24
N ALA C 124 8.83 0.30 -28.90
CA ALA C 124 8.94 0.83 -30.24
C ALA C 124 7.91 0.15 -31.13
N PRO C 125 7.29 0.86 -32.08
CA PRO C 125 6.26 0.22 -32.90
C PRO C 125 6.79 -0.90 -33.74
N SER C 126 8.09 -0.92 -33.99
CA SER C 126 8.74 -2.00 -34.70
C SER C 126 9.13 -3.15 -33.79
N GLY C 127 8.93 -3.00 -32.47
CA GLY C 127 9.40 -4.07 -31.61
C GLY C 127 10.90 -4.15 -31.52
N ASN C 128 11.61 -3.19 -32.10
CA ASN C 128 13.06 -3.20 -32.12
C ASN C 128 13.70 -2.62 -30.88
N TYR C 129 13.02 -1.72 -30.16
CA TYR C 129 13.65 -1.04 -29.05
C TYR C 129 12.71 -1.03 -27.88
N VAL C 130 13.29 -1.03 -26.68
CA VAL C 130 12.57 -0.79 -25.45
C VAL C 130 13.19 0.41 -24.75
N ALA C 131 12.41 1.10 -23.94
CA ALA C 131 12.90 2.23 -23.19
C ALA C 131 12.50 2.09 -21.73
N CYS C 132 13.20 2.83 -20.87
CA CYS C 132 12.89 2.86 -19.46
C CYS C 132 13.66 4.00 -18.82
N GLY C 133 13.16 4.48 -17.69
CA GLY C 133 13.83 5.54 -16.98
C GLY C 133 13.24 5.70 -15.60
N GLY C 134 13.87 6.57 -14.83
CA GLY C 134 13.41 6.74 -13.47
C GLY C 134 14.07 7.89 -12.73
N LEU C 135 14.47 7.66 -11.48
CA LEU C 135 15.05 8.74 -10.70
C LEU C 135 16.42 9.18 -11.18
N ASP C 136 17.03 8.44 -12.11
CA ASP C 136 18.30 8.87 -12.66
C ASP C 136 18.18 10.00 -13.67
N ASN C 137 16.96 10.39 -14.02
CA ASN C 137 16.72 11.47 -14.97
C ASN C 137 17.32 11.15 -16.34
N ILE C 138 17.41 9.86 -16.66
CA ILE C 138 18.08 9.40 -17.87
C ILE C 138 17.12 8.39 -18.50
N CYS C 139 16.94 8.49 -19.80
CA CYS C 139 16.17 7.49 -20.54
C CYS C 139 17.09 6.53 -21.27
N SER C 140 17.01 5.25 -20.92
CA SER C 140 17.93 4.28 -21.47
C SER C 140 17.14 3.49 -22.51
N ILE C 141 17.69 3.41 -23.71
CA ILE C 141 17.11 2.62 -24.79
C ILE C 141 17.94 1.37 -24.97
N TYR C 142 17.25 0.25 -25.10
CA TYR C 142 17.84 -1.07 -25.29
C TYR C 142 17.31 -1.67 -26.57
N ASN C 143 18.20 -2.18 -27.40
CA ASN C 143 17.82 -2.75 -28.69
C ASN C 143 17.47 -4.22 -28.44
N LEU C 144 16.18 -4.54 -28.58
CA LEU C 144 15.73 -5.92 -28.42
C LEU C 144 16.13 -6.77 -29.61
N LYS C 145 16.33 -6.15 -30.78
CA LYS C 145 16.73 -6.86 -31.99
C LYS C 145 18.25 -6.85 -32.11
N THR C 146 18.93 -6.86 -30.96
CA THR C 146 20.38 -6.95 -30.95
C THR C 146 20.80 -8.23 -31.65
N ARG C 147 22.04 -8.24 -32.13
CA ARG C 147 22.48 -9.31 -33.00
C ARG C 147 23.35 -10.35 -32.33
N GLU C 148 23.87 -10.08 -31.14
CA GLU C 148 24.66 -11.07 -30.43
C GLU C 148 24.36 -11.01 -28.94
N GLY C 149 24.58 -12.13 -28.26
CA GLY C 149 24.22 -12.34 -26.87
C GLY C 149 22.89 -11.85 -26.33
N ASN C 150 22.99 -10.85 -25.45
CA ASN C 150 21.91 -10.40 -24.59
C ASN C 150 21.50 -8.97 -24.91
N VAL C 151 20.21 -8.69 -24.79
CA VAL C 151 19.73 -7.32 -24.91
C VAL C 151 20.41 -6.47 -23.85
N ARG C 152 20.96 -5.35 -24.27
CA ARG C 152 21.71 -4.45 -23.42
C ARG C 152 21.40 -3.02 -23.82
N VAL C 153 22.11 -2.08 -23.21
CA VAL C 153 21.83 -0.68 -23.46
C VAL C 153 22.35 -0.32 -24.84
N SER C 154 21.56 0.47 -25.56
CA SER C 154 21.95 0.96 -26.87
C SER C 154 22.17 2.46 -26.88
N ARG C 155 21.17 3.22 -26.44
CA ARG C 155 21.32 4.66 -26.31
C ARG C 155 20.92 5.08 -24.91
N GLU C 156 21.18 6.35 -24.60
CA GLU C 156 20.89 6.85 -23.27
C GLU C 156 20.81 8.37 -23.32
N LEU C 157 19.62 8.90 -23.08
CA LEU C 157 19.31 10.29 -23.28
C LEU C 157 19.39 11.00 -21.94
N ALA C 158 20.29 11.97 -21.85
CA ALA C 158 20.57 12.70 -20.63
C ALA C 158 20.23 14.16 -20.85
N GLY C 159 19.92 14.86 -19.77
CA GLY C 159 19.73 16.29 -19.88
C GLY C 159 18.71 16.85 -18.91
N HIS C 160 17.85 15.98 -18.40
CA HIS C 160 16.75 16.44 -17.55
C HIS C 160 17.25 16.67 -16.14
N THR C 161 16.73 17.72 -15.52
CA THR C 161 17.02 17.98 -14.12
C THR C 161 15.97 17.39 -13.20
N GLY C 162 15.07 16.56 -13.73
CA GLY C 162 14.04 15.94 -12.92
C GLY C 162 13.86 14.49 -13.32
N TYR C 163 12.99 13.82 -12.59
CA TYR C 163 12.77 12.40 -12.78
C TYR C 163 11.90 12.15 -14.00
N LEU C 164 12.23 11.13 -14.78
CA LEU C 164 11.48 10.86 -15.99
C LEU C 164 10.25 10.07 -15.62
N SER C 165 9.09 10.58 -15.99
CA SER C 165 7.83 9.98 -15.57
C SER C 165 7.15 9.19 -16.68
N CYS C 166 7.40 9.55 -17.92
CA CYS C 166 6.79 8.89 -19.07
C CYS C 166 7.62 9.20 -20.30
N CYS C 167 7.56 8.29 -21.25
CA CYS C 167 8.27 8.42 -22.50
C CYS C 167 7.59 7.51 -23.50
N ARG C 168 7.55 7.96 -24.76
CA ARG C 168 6.86 7.20 -25.79
C ARG C 168 7.56 7.41 -27.11
N PHE C 169 7.71 6.31 -27.85
CA PHE C 169 8.33 6.38 -29.16
C PHE C 169 7.36 6.99 -30.18
N LEU C 170 7.93 7.72 -31.13
CA LEU C 170 7.27 8.08 -32.37
C LEU C 170 7.62 7.07 -33.45
N ASP C 171 8.91 6.85 -33.64
CA ASP C 171 9.43 5.79 -34.48
C ASP C 171 10.64 5.23 -33.76
N ASP C 172 11.45 4.45 -34.47
CA ASP C 172 12.56 3.83 -33.78
C ASP C 172 13.67 4.82 -33.45
N ASN C 173 13.51 6.09 -33.82
CA ASN C 173 14.53 7.10 -33.55
CA ASN C 173 14.53 7.09 -33.56
C ASN C 173 13.98 8.38 -32.94
N GLN C 174 12.68 8.48 -32.73
CA GLN C 174 12.11 9.64 -32.05
C GLN C 174 11.32 9.17 -30.85
N ILE C 175 11.57 9.82 -29.71
CA ILE C 175 10.90 9.54 -28.46
C ILE C 175 10.70 10.83 -27.68
N VAL C 176 9.53 10.96 -27.09
CA VAL C 176 9.20 12.12 -26.28
C VAL C 176 9.22 11.65 -24.84
N THR C 177 9.74 12.50 -23.95
CA THR C 177 9.89 12.18 -22.54
C THR C 177 9.22 13.24 -21.70
N SER C 178 8.86 12.85 -20.48
CA SER C 178 8.29 13.77 -19.51
C SER C 178 9.15 13.72 -18.27
N SER C 179 9.38 14.88 -17.65
CA SER C 179 10.35 14.98 -16.56
C SER C 179 9.84 15.86 -15.43
N GLY C 180 10.54 15.76 -14.32
CA GLY C 180 10.21 16.56 -13.16
C GLY C 180 10.69 17.99 -13.24
N ASP C 181 11.38 18.39 -14.30
CA ASP C 181 11.67 19.81 -14.44
C ASP C 181 10.50 20.59 -15.03
N THR C 182 9.29 20.01 -15.03
CA THR C 182 8.07 20.65 -15.49
C THR C 182 8.08 20.94 -16.98
N THR C 183 8.89 20.23 -17.75
CA THR C 183 9.01 20.45 -19.19
C THR C 183 8.95 19.12 -19.92
N CYS C 184 8.56 19.19 -21.19
CA CYS C 184 8.68 18.03 -22.06
C CYS C 184 9.65 18.33 -23.19
N ALA C 185 10.19 17.26 -23.77
CA ALA C 185 11.22 17.42 -24.79
C ALA C 185 11.12 16.29 -25.80
N LEU C 186 11.32 16.64 -27.07
CA LEU C 186 11.45 15.68 -28.15
C LEU C 186 12.92 15.53 -28.48
N TRP C 187 13.38 14.28 -28.49
CA TRP C 187 14.76 13.86 -28.59
C TRP C 187 15.04 13.11 -29.89
N ASP C 188 16.26 13.24 -30.39
CA ASP C 188 16.78 12.39 -31.45
C ASP C 188 17.69 11.38 -30.76
N ILE C 189 17.20 10.14 -30.66
CA ILE C 189 17.79 9.13 -29.78
C ILE C 189 19.26 8.95 -30.08
N GLU C 190 19.64 9.02 -31.35
CA GLU C 190 21.04 8.79 -31.67
C GLU C 190 21.88 9.94 -31.13
N THR C 191 21.59 11.17 -31.57
CA THR C 191 22.38 12.31 -31.14
C THR C 191 22.15 12.63 -29.67
N GLY C 192 21.06 12.18 -29.08
CA GLY C 192 20.81 12.49 -27.69
C GLY C 192 20.46 13.94 -27.41
N GLN C 193 20.14 14.72 -28.43
CA GLN C 193 19.80 16.12 -28.22
C GLN C 193 18.30 16.30 -28.13
N GLN C 194 17.88 17.23 -27.30
CA GLN C 194 16.48 17.62 -27.18
C GLN C 194 16.15 18.41 -28.42
N THR C 195 15.54 17.75 -29.42
CA THR C 195 15.24 18.43 -30.67
C THR C 195 14.15 19.49 -30.49
N THR C 196 13.37 19.41 -29.43
CA THR C 196 12.32 20.42 -29.22
C THR C 196 11.99 20.48 -27.74
N THR C 197 11.79 21.68 -27.21
CA THR C 197 11.46 21.84 -25.80
C THR C 197 10.10 22.49 -25.65
N PHE C 198 9.32 21.96 -24.71
CA PHE C 198 7.98 22.40 -24.38
C PHE C 198 7.98 22.81 -22.91
N THR C 199 7.82 24.10 -22.66
CA THR C 199 7.79 24.63 -21.30
C THR C 199 6.51 25.42 -21.07
N GLY C 200 6.13 25.51 -19.79
CA GLY C 200 4.93 26.25 -19.43
C GLY C 200 4.20 25.67 -18.24
N HIS C 201 4.45 24.42 -17.90
CA HIS C 201 3.83 23.82 -16.74
C HIS C 201 4.51 24.32 -15.47
N THR C 202 3.71 24.51 -14.43
CA THR C 202 4.23 24.97 -13.14
C THR C 202 4.64 23.80 -12.26
N GLY C 203 3.85 22.73 -12.24
CA GLY C 203 4.18 21.57 -11.45
C GLY C 203 4.75 20.44 -12.30
N ASP C 204 5.03 19.33 -11.64
CA ASP C 204 5.64 18.21 -12.31
C ASP C 204 4.71 17.63 -13.37
N VAL C 205 5.23 17.52 -14.59
CA VAL C 205 4.48 16.83 -15.65
C VAL C 205 4.59 15.33 -15.41
N MET C 206 3.43 14.66 -15.31
CA MET C 206 3.37 13.27 -14.92
C MET C 206 3.10 12.30 -16.05
N SER C 207 2.40 12.69 -17.10
CA SER C 207 2.08 11.70 -18.12
C SER C 207 1.92 12.35 -19.48
N LEU C 208 2.26 11.60 -20.52
CA LEU C 208 2.06 12.04 -21.88
C LEU C 208 1.45 10.91 -22.70
N SER C 209 0.75 11.28 -23.76
CA SER C 209 0.11 10.34 -24.66
C SER C 209 0.19 10.89 -26.06
N LEU C 210 0.78 10.12 -26.98
CA LEU C 210 0.92 10.54 -28.36
C LEU C 210 -0.36 10.28 -29.14
N ALA C 211 -0.70 11.21 -30.02
CA ALA C 211 -1.85 11.04 -30.89
C ALA C 211 -1.63 9.84 -31.81
N PRO C 212 -2.70 9.21 -32.29
CA PRO C 212 -2.55 8.03 -33.16
C PRO C 212 -1.79 8.32 -34.43
N ASP C 213 -1.60 9.60 -34.77
CA ASP C 213 -0.88 10.00 -35.95
C ASP C 213 0.43 10.67 -35.59
N THR C 214 0.85 10.54 -34.33
CA THR C 214 2.16 10.99 -33.86
C THR C 214 2.26 12.51 -33.89
N ARG C 215 1.24 13.17 -34.44
CA ARG C 215 1.34 14.60 -34.73
C ARG C 215 1.21 15.44 -33.46
N LEU C 216 0.38 15.01 -32.50
CA LEU C 216 0.21 15.77 -31.29
C LEU C 216 0.34 14.87 -30.07
N PHE C 217 0.44 15.50 -28.91
CA PHE C 217 0.45 14.80 -27.64
C PHE C 217 0.03 15.74 -26.53
N VAL C 218 -0.56 15.18 -25.49
CA VAL C 218 -1.00 15.97 -24.34
C VAL C 218 -0.15 15.58 -23.12
N SER C 219 -0.14 16.46 -22.12
CA SER C 219 0.64 16.25 -20.90
C SER C 219 -0.13 16.81 -19.72
N GLY C 220 -0.14 16.08 -18.60
CA GLY C 220 -0.80 16.54 -17.37
C GLY C 220 0.18 16.81 -16.25
N ALA C 221 0.10 18.01 -15.66
CA ALA C 221 1.04 18.44 -14.65
C ALA C 221 0.36 18.73 -13.32
N CYS C 222 1.19 19.03 -12.31
CA CYS C 222 0.76 19.31 -10.94
C CYS C 222 0.22 20.71 -10.74
N ASP C 223 0.17 21.53 -11.78
CA ASP C 223 -0.49 22.82 -11.67
C ASP C 223 -1.98 22.70 -11.95
N ALA C 224 -2.54 21.50 -11.80
CA ALA C 224 -3.97 21.25 -11.99
C ALA C 224 -4.39 21.61 -13.40
N SER C 225 -3.45 21.49 -14.34
CA SER C 225 -3.68 21.84 -15.73
C SER C 225 -3.14 20.74 -16.64
N ALA C 226 -3.80 20.58 -17.77
CA ALA C 226 -3.35 19.73 -18.85
C ALA C 226 -3.04 20.61 -20.05
N LYS C 227 -2.04 20.22 -20.82
CA LYS C 227 -1.63 21.01 -21.98
C LYS C 227 -1.48 20.14 -23.20
N LEU C 228 -2.01 20.62 -24.31
CA LEU C 228 -1.84 20.03 -25.62
C LEU C 228 -0.69 20.71 -26.33
N TRP C 229 0.27 19.92 -26.82
CA TRP C 229 1.47 20.47 -27.43
C TRP C 229 1.51 20.06 -28.89
N ASP C 230 1.87 21.00 -29.75
CA ASP C 230 2.13 20.72 -31.15
C ASP C 230 3.54 20.19 -31.33
N VAL C 231 3.65 18.94 -31.75
CA VAL C 231 4.94 18.26 -31.79
C VAL C 231 5.92 19.00 -32.70
N ARG C 232 5.46 19.32 -33.92
CA ARG C 232 6.38 19.87 -34.92
C ARG C 232 6.72 21.33 -34.67
N GLU C 233 5.88 22.08 -33.95
CA GLU C 233 6.11 23.49 -33.76
C GLU C 233 6.58 23.85 -32.36
N GLY C 234 6.36 23.00 -31.37
CA GLY C 234 6.95 23.20 -30.06
C GLY C 234 6.20 24.20 -29.23
N MET C 235 4.97 24.50 -29.58
CA MET C 235 4.14 25.47 -28.90
C MET C 235 2.98 24.78 -28.20
N CYS C 236 2.53 25.37 -27.11
CA CYS C 236 1.38 24.86 -26.37
C CYS C 236 0.11 25.41 -27.01
N ARG C 237 -0.74 24.50 -27.48
CA ARG C 237 -1.95 24.91 -28.17
C ARG C 237 -3.09 25.20 -27.22
N GLN C 238 -3.34 24.30 -26.26
CA GLN C 238 -4.47 24.48 -25.36
C GLN C 238 -4.06 24.12 -23.94
N THR C 239 -4.60 24.88 -22.98
CA THR C 239 -4.41 24.59 -21.57
C THR C 239 -5.79 24.42 -20.93
N PHE C 240 -6.02 23.25 -20.34
CA PHE C 240 -7.27 22.92 -19.70
C PHE C 240 -7.10 22.84 -18.19
N THR C 241 -8.08 23.32 -17.45
CA THR C 241 -8.08 23.30 -16.00
C THR C 241 -9.46 22.80 -15.57
N GLY C 242 -9.69 22.69 -14.26
CA GLY C 242 -10.96 22.23 -13.76
C GLY C 242 -10.82 21.27 -12.60
N HIS C 243 -9.75 20.48 -12.62
CA HIS C 243 -9.46 19.61 -11.48
C HIS C 243 -8.99 20.41 -10.29
N GLU C 244 -9.33 19.92 -9.10
CA GLU C 244 -8.93 20.61 -7.88
C GLU C 244 -7.59 20.10 -7.38
N SER C 245 -7.02 19.09 -8.02
CA SER C 245 -5.77 18.49 -7.60
CA SER C 245 -5.77 18.49 -7.60
C SER C 245 -4.86 18.29 -8.81
N ASP C 246 -3.75 17.63 -8.58
CA ASP C 246 -2.80 17.31 -9.63
C ASP C 246 -3.34 16.22 -10.54
N ILE C 247 -3.23 16.43 -11.85
CA ILE C 247 -3.59 15.42 -12.83
C ILE C 247 -2.43 14.43 -12.96
N ASN C 248 -2.73 13.14 -12.78
CA ASN C 248 -1.75 12.07 -12.77
C ASN C 248 -1.75 11.22 -14.04
N ALA C 249 -2.82 11.19 -14.81
CA ALA C 249 -2.84 10.33 -15.98
C ALA C 249 -3.67 10.99 -17.07
N ILE C 250 -3.40 10.58 -18.31
CA ILE C 250 -4.03 11.15 -19.50
C ILE C 250 -3.89 10.16 -20.65
N CYS C 251 -4.84 10.18 -21.58
CA CYS C 251 -4.79 9.31 -22.73
C CYS C 251 -5.73 9.87 -23.79
N PHE C 252 -5.32 9.71 -25.06
CA PHE C 252 -6.14 10.13 -26.19
C PHE C 252 -7.33 9.22 -26.48
N PHE C 253 -8.41 9.84 -26.90
CA PHE C 253 -9.50 9.08 -27.49
C PHE C 253 -9.00 8.46 -28.79
N PRO C 254 -9.40 7.23 -29.11
CA PRO C 254 -8.89 6.59 -30.33
C PRO C 254 -9.11 7.42 -31.58
N ASN C 255 -10.08 8.34 -31.58
CA ASN C 255 -10.32 9.19 -32.73
C ASN C 255 -9.21 10.22 -32.90
N GLY C 256 -8.70 10.74 -31.78
CA GLY C 256 -7.66 11.73 -31.82
C GLY C 256 -8.12 13.13 -31.45
N ASN C 257 -9.43 13.36 -31.33
CA ASN C 257 -9.94 14.67 -30.95
C ASN C 257 -10.48 14.74 -29.54
N ALA C 258 -10.03 13.86 -28.64
CA ALA C 258 -10.52 13.91 -27.26
C ALA C 258 -9.52 13.19 -26.37
N PHE C 259 -9.60 13.49 -25.08
CA PHE C 259 -8.70 12.83 -24.14
C PHE C 259 -9.30 12.88 -22.73
N ALA C 260 -8.85 11.95 -21.90
CA ALA C 260 -9.31 11.82 -20.53
C ALA C 260 -8.17 11.99 -19.53
N THR C 261 -8.49 12.53 -18.36
CA THR C 261 -7.52 12.76 -17.31
C THR C 261 -8.06 12.21 -15.99
N GLY C 262 -7.16 11.74 -15.16
CA GLY C 262 -7.51 11.32 -13.81
C GLY C 262 -6.59 12.03 -12.83
N SER C 263 -7.13 12.40 -11.68
CA SER C 263 -6.34 13.22 -10.77
C SER C 263 -6.47 12.73 -9.33
N ASP C 264 -5.72 13.38 -8.45
CA ASP C 264 -5.68 13.00 -7.04
C ASP C 264 -6.97 13.35 -6.29
N ASP C 265 -7.81 14.21 -6.85
CA ASP C 265 -9.06 14.60 -6.24
C ASP C 265 -10.16 13.58 -6.44
N ALA C 266 -9.79 12.37 -6.83
CA ALA C 266 -10.73 11.25 -6.98
C ALA C 266 -11.79 11.54 -8.03
N THR C 267 -11.38 12.12 -9.15
CA THR C 267 -12.31 12.45 -10.22
C THR C 267 -11.60 12.26 -11.54
N CYS C 268 -12.35 11.83 -12.54
CA CYS C 268 -11.87 11.76 -13.91
C CYS C 268 -12.61 12.78 -14.77
N ARG C 269 -11.90 13.40 -15.70
CA ARG C 269 -12.55 14.39 -16.55
C ARG C 269 -12.16 14.17 -17.99
N LEU C 270 -13.12 14.29 -18.89
CA LEU C 270 -12.91 14.11 -20.31
C LEU C 270 -13.00 15.48 -20.96
N PHE C 271 -11.91 15.89 -21.61
CA PHE C 271 -11.81 17.14 -22.35
C PHE C 271 -11.74 16.90 -23.85
N ASP C 272 -12.28 17.86 -24.61
CA ASP C 272 -12.16 17.88 -26.06
C ASP C 272 -11.21 18.99 -26.46
N LEU C 273 -10.45 18.72 -27.52
CA LEU C 273 -9.45 19.66 -28.02
C LEU C 273 -10.08 20.77 -28.85
N ARG C 274 -11.01 20.43 -29.75
CA ARG C 274 -11.57 21.42 -30.65
C ARG C 274 -12.56 22.35 -29.98
N ALA C 275 -13.22 21.89 -28.92
CA ALA C 275 -14.13 22.76 -28.19
C ALA C 275 -13.44 23.58 -27.11
N ASP C 276 -12.26 23.16 -26.65
CA ASP C 276 -11.43 23.95 -25.74
C ASP C 276 -12.18 24.20 -24.43
N GLN C 277 -12.68 23.11 -23.84
CA GLN C 277 -13.30 23.12 -22.53
C GLN C 277 -13.56 21.68 -22.12
N GLU C 278 -13.93 21.50 -20.86
CA GLU C 278 -14.23 20.18 -20.37
C GLU C 278 -15.54 19.71 -20.98
N LEU C 279 -15.61 18.42 -21.27
CA LEU C 279 -16.80 17.85 -21.85
C LEU C 279 -17.58 16.99 -20.87
N MET C 280 -16.92 16.26 -19.99
CA MET C 280 -17.68 15.38 -19.12
C MET C 280 -16.86 15.05 -17.89
N THR C 281 -17.57 14.78 -16.79
CA THR C 281 -16.89 14.49 -15.55
C THR C 281 -17.39 13.15 -15.03
N TYR C 282 -16.45 12.27 -14.68
CA TYR C 282 -16.70 10.90 -14.28
C TYR C 282 -16.29 10.77 -12.84
N SER C 283 -17.26 10.58 -11.94
CA SER C 283 -16.95 10.53 -10.52
C SER C 283 -18.10 9.83 -9.83
N HIS C 284 -17.83 9.34 -8.63
CA HIS C 284 -18.86 8.80 -7.76
C HIS C 284 -18.56 9.16 -6.33
N ASP C 285 -19.62 9.40 -5.57
CA ASP C 285 -19.36 9.82 -4.20
C ASP C 285 -18.93 8.67 -3.30
N ASN C 286 -18.91 7.43 -3.81
CA ASN C 286 -18.32 6.29 -3.12
C ASN C 286 -16.89 5.96 -3.52
N ILE C 287 -16.32 6.70 -4.47
CA ILE C 287 -14.93 6.49 -4.89
C ILE C 287 -14.13 7.68 -4.34
N ILE C 288 -13.22 7.38 -3.43
CA ILE C 288 -12.47 8.40 -2.73
C ILE C 288 -10.96 8.29 -2.93
N CYS C 289 -10.44 7.17 -3.40
CA CYS C 289 -9.01 7.01 -3.58
C CYS C 289 -8.55 7.80 -4.80
N GLY C 290 -7.24 8.01 -4.91
CA GLY C 290 -6.70 8.70 -6.06
C GLY C 290 -6.86 7.85 -7.31
N ILE C 291 -6.26 8.32 -8.41
CA ILE C 291 -6.38 7.60 -9.67
C ILE C 291 -5.01 7.55 -10.33
N THR C 292 -4.64 6.37 -10.82
CA THR C 292 -3.29 6.16 -11.32
C THR C 292 -3.17 5.98 -12.83
N SER C 293 -4.18 5.43 -13.50
CA SER C 293 -4.05 5.19 -14.93
C SER C 293 -5.41 5.21 -15.61
N VAL C 294 -5.41 5.63 -16.87
CA VAL C 294 -6.61 5.71 -17.69
C VAL C 294 -6.31 5.21 -19.09
N SER C 295 -7.32 4.66 -19.76
CA SER C 295 -7.18 4.18 -21.13
C SER C 295 -8.54 3.96 -21.75
N PHE C 296 -8.65 4.24 -23.04
CA PHE C 296 -9.87 4.08 -23.81
C PHE C 296 -9.97 2.69 -24.39
N SER C 297 -11.19 2.30 -24.74
CA SER C 297 -11.42 1.09 -25.49
C SER C 297 -11.02 1.29 -26.96
N LYS C 298 -11.23 0.26 -27.77
CA LYS C 298 -10.81 0.37 -29.17
C LYS C 298 -11.62 1.41 -29.90
N SER C 299 -12.90 1.51 -29.59
CA SER C 299 -13.77 2.49 -30.22
C SER C 299 -13.88 3.76 -29.40
N GLY C 300 -13.29 3.80 -28.22
CA GLY C 300 -13.40 4.97 -27.37
C GLY C 300 -14.74 5.09 -26.67
N ARG C 301 -15.64 4.14 -26.85
CA ARG C 301 -16.94 4.21 -26.18
C ARG C 301 -16.80 3.88 -24.70
N LEU C 302 -15.82 3.06 -24.36
CA LEU C 302 -15.59 2.64 -22.99
C LEU C 302 -14.30 3.29 -22.48
N LEU C 303 -14.36 3.81 -21.26
CA LEU C 303 -13.22 4.45 -20.60
C LEU C 303 -12.86 3.70 -19.32
N LEU C 304 -11.67 3.14 -19.28
CA LEU C 304 -11.23 2.40 -18.12
C LEU C 304 -10.32 3.29 -17.27
N ALA C 305 -10.55 3.26 -15.95
CA ALA C 305 -9.80 4.07 -15.01
C ALA C 305 -9.37 3.22 -13.82
N GLY C 306 -8.11 3.36 -13.44
CA GLY C 306 -7.55 2.66 -12.30
C GLY C 306 -7.47 3.45 -11.02
N TYR C 307 -8.04 2.89 -9.95
CA TYR C 307 -8.14 3.58 -8.67
C TYR C 307 -7.18 2.91 -7.70
N ASP C 308 -6.94 3.60 -6.58
CA ASP C 308 -6.08 3.04 -5.55
C ASP C 308 -6.75 1.94 -4.73
N ASP C 309 -8.07 1.81 -4.83
CA ASP C 309 -8.82 0.87 -4.01
C ASP C 309 -8.78 -0.56 -4.51
N PHE C 310 -7.80 -0.92 -5.33
CA PHE C 310 -7.55 -2.28 -5.80
C PHE C 310 -8.50 -2.62 -6.94
N ASN C 311 -9.36 -1.69 -7.33
CA ASN C 311 -10.41 -1.91 -8.31
C ASN C 311 -10.08 -1.16 -9.59
N CYS C 312 -10.82 -1.50 -10.63
CA CYS C 312 -10.78 -0.78 -11.88
C CYS C 312 -12.21 -0.39 -12.21
N ASN C 313 -12.45 0.90 -12.41
CA ASN C 313 -13.79 1.35 -12.70
C ASN C 313 -13.90 1.50 -14.20
N VAL C 314 -14.98 0.97 -14.74
CA VAL C 314 -15.27 1.06 -16.15
C VAL C 314 -16.38 2.09 -16.34
N TRP C 315 -16.05 3.20 -16.96
CA TRP C 315 -17.01 4.25 -17.20
C TRP C 315 -17.47 4.15 -18.64
N ASP C 316 -18.71 4.55 -18.88
CA ASP C 316 -19.23 4.67 -20.24
C ASP C 316 -18.82 6.04 -20.74
N ALA C 317 -17.86 6.06 -21.67
CA ALA C 317 -17.29 7.33 -22.07
C ALA C 317 -18.30 8.27 -22.69
N LEU C 318 -19.51 7.82 -22.99
CA LEU C 318 -20.50 8.72 -23.56
C LEU C 318 -21.56 9.17 -22.56
N LYS C 319 -21.89 8.33 -21.57
CA LYS C 319 -22.96 8.67 -20.65
C LYS C 319 -22.49 8.95 -19.23
N ALA C 320 -21.19 8.80 -18.96
CA ALA C 320 -20.59 8.97 -17.65
C ALA C 320 -21.14 7.99 -16.61
N ASP C 321 -21.97 7.04 -17.02
CA ASP C 321 -22.46 6.01 -16.12
C ASP C 321 -21.41 4.92 -16.00
N ARG C 322 -21.29 4.35 -14.81
CA ARG C 322 -20.41 3.21 -14.65
C ARG C 322 -21.06 1.93 -15.13
N ALA C 323 -20.29 1.17 -15.90
CA ALA C 323 -20.76 -0.02 -16.59
C ALA C 323 -20.14 -1.29 -16.07
N GLY C 324 -19.12 -1.21 -15.22
CA GLY C 324 -18.48 -2.39 -14.70
C GLY C 324 -17.36 -2.11 -13.73
N VAL C 325 -16.96 -3.13 -12.97
CA VAL C 325 -15.88 -3.05 -12.01
C VAL C 325 -14.93 -4.21 -12.32
N LEU C 326 -13.65 -4.00 -12.01
CA LEU C 326 -12.62 -5.01 -12.16
C LEU C 326 -11.91 -5.17 -10.82
N ALA C 327 -12.47 -6.04 -9.98
CA ALA C 327 -11.89 -6.40 -8.68
C ALA C 327 -11.07 -7.67 -8.87
N GLY C 328 -9.81 -7.52 -9.22
CA GLY C 328 -9.00 -8.71 -9.39
C GLY C 328 -7.58 -8.57 -8.90
N HIS C 329 -7.23 -7.41 -8.36
CA HIS C 329 -5.90 -7.19 -7.81
C HIS C 329 -5.92 -7.12 -6.29
N ASP C 330 -4.83 -7.58 -5.71
CA ASP C 330 -4.63 -7.66 -4.28
C ASP C 330 -3.84 -6.49 -3.73
N ASN C 331 -3.51 -5.51 -4.57
CA ASN C 331 -2.82 -4.32 -4.12
C ASN C 331 -3.16 -3.18 -5.09
N ARG C 332 -2.59 -2.01 -4.84
CA ARG C 332 -2.93 -0.83 -5.64
C ARG C 332 -2.60 -1.05 -7.10
N VAL C 333 -3.57 -0.83 -7.98
CA VAL C 333 -3.32 -0.88 -9.42
C VAL C 333 -2.51 0.34 -9.87
N SER C 334 -1.28 0.10 -10.29
CA SER C 334 -0.38 1.19 -10.62
C SER C 334 -0.45 1.60 -12.08
N CYS C 335 -0.95 0.73 -12.94
CA CYS C 335 -0.93 1.01 -14.37
C CYS C 335 -1.94 0.11 -15.07
N LEU C 336 -2.29 0.51 -16.28
CA LEU C 336 -3.15 -0.32 -17.10
C LEU C 336 -2.95 0.03 -18.56
N GLY C 337 -3.53 -0.79 -19.44
CA GLY C 337 -3.41 -0.55 -20.86
C GLY C 337 -4.21 -1.49 -21.73
N VAL C 338 -4.85 -0.94 -22.75
CA VAL C 338 -5.68 -1.71 -23.67
C VAL C 338 -4.85 -2.06 -24.89
N THR C 339 -5.09 -3.23 -25.46
CA THR C 339 -4.34 -3.55 -26.67
C THR C 339 -4.78 -2.60 -27.77
N ASP C 340 -3.94 -2.47 -28.79
CA ASP C 340 -4.28 -1.57 -29.87
C ASP C 340 -5.36 -2.15 -30.77
N ASP C 341 -5.55 -3.47 -30.75
CA ASP C 341 -6.66 -4.10 -31.43
C ASP C 341 -7.90 -4.27 -30.56
N GLY C 342 -7.83 -3.86 -29.28
CA GLY C 342 -8.98 -3.98 -28.42
C GLY C 342 -9.31 -5.39 -27.96
N MET C 343 -8.42 -6.34 -28.17
CA MET C 343 -8.75 -7.72 -27.88
C MET C 343 -8.74 -8.03 -26.39
N ALA C 344 -7.97 -7.28 -25.61
CA ALA C 344 -7.83 -7.57 -24.20
C ALA C 344 -7.29 -6.33 -23.50
N VAL C 345 -7.43 -6.31 -22.18
CA VAL C 345 -6.87 -5.22 -21.39
C VAL C 345 -5.93 -5.80 -20.34
N ALA C 346 -4.83 -5.12 -20.10
CA ALA C 346 -3.90 -5.54 -19.09
C ALA C 346 -3.90 -4.53 -17.95
N THR C 347 -3.63 -5.04 -16.76
CA THR C 347 -3.59 -4.24 -15.55
C THR C 347 -2.36 -4.63 -14.75
N GLY C 348 -1.53 -3.65 -14.41
CA GLY C 348 -0.41 -3.85 -13.53
C GLY C 348 -0.73 -3.18 -12.19
N SER C 349 -0.38 -3.86 -11.10
CA SER C 349 -0.74 -3.40 -9.78
C SER C 349 0.45 -3.47 -8.84
N TRP C 350 0.24 -2.95 -7.64
CA TRP C 350 1.28 -2.98 -6.63
C TRP C 350 1.39 -4.32 -5.93
N ASP C 351 0.71 -5.35 -6.43
CA ASP C 351 0.88 -6.68 -5.91
C ASP C 351 1.95 -7.47 -6.64
N SER C 352 2.66 -6.85 -7.57
CA SER C 352 3.69 -7.51 -8.35
C SER C 352 3.06 -8.55 -9.27
N PHE C 353 1.91 -8.20 -9.83
CA PHE C 353 1.19 -9.08 -10.75
C PHE C 353 0.54 -8.26 -11.85
N LEU C 354 0.52 -8.82 -13.05
CA LEU C 354 -0.24 -8.28 -14.16
C LEU C 354 -1.40 -9.23 -14.48
N LYS C 355 -2.54 -8.65 -14.80
CA LYS C 355 -3.72 -9.46 -15.08
C LYS C 355 -4.33 -9.01 -16.39
N ILE C 356 -4.66 -9.97 -17.23
CA ILE C 356 -5.33 -9.74 -18.50
C ILE C 356 -6.82 -9.98 -18.32
N TRP C 357 -7.62 -9.11 -18.91
CA TRP C 357 -9.06 -9.15 -18.78
C TRP C 357 -9.68 -9.10 -20.15
N ASN C 358 -10.73 -9.90 -20.34
CA ASN C 358 -11.64 -9.79 -21.46
C ASN C 358 -12.86 -10.64 -21.17
N SER D 8 10.27 38.41 -12.19
CA SER D 8 8.91 38.05 -12.53
C SER D 8 8.42 38.81 -13.76
N ILE D 9 9.29 39.61 -14.36
CA ILE D 9 8.87 40.43 -15.49
C ILE D 9 8.78 39.62 -16.77
N ALA D 10 9.65 38.62 -16.93
CA ALA D 10 9.62 37.77 -18.12
C ALA D 10 8.48 36.77 -18.10
N GLN D 11 8.20 36.17 -16.94
CA GLN D 11 7.09 35.23 -16.84
C GLN D 11 5.73 35.89 -16.98
N ALA D 12 5.61 37.21 -16.76
CA ALA D 12 4.30 37.83 -16.94
C ALA D 12 4.05 38.11 -18.41
N ARG D 13 5.09 38.52 -19.13
CA ARG D 13 4.97 38.69 -20.57
C ARG D 13 4.71 37.35 -21.23
N LYS D 14 5.34 36.29 -20.69
CA LYS D 14 5.11 34.97 -21.25
C LYS D 14 3.71 34.46 -20.93
N LEU D 15 3.17 34.79 -19.75
CA LEU D 15 1.82 34.35 -19.42
C LEU D 15 0.79 35.06 -20.28
N VAL D 16 1.01 36.35 -20.56
CA VAL D 16 0.02 37.07 -21.36
C VAL D 16 0.09 36.62 -22.82
N GLU D 17 1.31 36.46 -23.37
CA GLU D 17 1.39 35.99 -24.74
C GLU D 17 0.90 34.56 -24.92
N GLN D 18 1.13 33.66 -23.95
CA GLN D 18 0.55 32.33 -24.07
C GLN D 18 -0.97 32.37 -24.00
N LEU D 19 -1.53 33.20 -23.11
CA LEU D 19 -2.99 33.28 -23.04
C LEU D 19 -3.57 33.92 -24.28
N LYS D 20 -2.86 34.87 -24.90
CA LYS D 20 -3.35 35.44 -26.13
C LYS D 20 -3.30 34.44 -27.28
N MET D 21 -2.25 33.59 -27.32
CA MET D 21 -2.23 32.55 -28.34
C MET D 21 -3.32 31.51 -28.14
N GLU D 22 -3.54 31.08 -26.88
CA GLU D 22 -4.56 30.08 -26.61
C GLU D 22 -5.97 30.63 -26.70
N ALA D 23 -6.13 31.95 -26.57
CA ALA D 23 -7.44 32.58 -26.56
C ALA D 23 -8.04 32.70 -27.96
N ASN D 24 -7.19 32.93 -28.97
CA ASN D 24 -7.61 33.19 -30.32
C ASN D 24 -7.87 31.93 -31.15
N ILE D 25 -8.12 30.81 -30.49
CA ILE D 25 -8.55 29.60 -31.19
C ILE D 25 -10.05 29.68 -31.47
N ASP D 26 -10.49 28.98 -32.51
CA ASP D 26 -11.88 28.92 -32.94
C ASP D 26 -12.44 27.59 -32.43
N ARG D 27 -13.52 27.65 -31.66
CA ARG D 27 -14.07 26.45 -31.05
C ARG D 27 -15.35 26.04 -31.73
N ILE D 28 -15.62 24.74 -31.72
CA ILE D 28 -16.82 24.19 -32.29
C ILE D 28 -17.85 23.89 -31.20
N LYS D 29 -19.08 23.66 -31.62
CA LYS D 29 -20.18 23.34 -30.71
C LYS D 29 -20.02 21.97 -30.06
N VAL D 30 -20.44 21.89 -28.80
CA VAL D 30 -20.36 20.61 -28.08
C VAL D 30 -21.24 19.58 -28.76
N SER D 31 -22.35 20.02 -29.36
CA SER D 31 -23.24 19.11 -30.07
C SER D 31 -22.50 18.39 -31.18
N LYS D 32 -21.63 19.09 -31.90
CA LYS D 32 -20.91 18.44 -32.98
C LYS D 32 -19.83 17.51 -32.42
N ALA D 33 -19.18 17.92 -31.34
CA ALA D 33 -18.19 17.03 -30.74
C ALA D 33 -18.83 15.74 -30.26
N ALA D 34 -20.02 15.83 -29.68
CA ALA D 34 -20.71 14.62 -29.28
C ALA D 34 -21.22 13.83 -30.47
N ALA D 35 -21.63 14.50 -31.54
CA ALA D 35 -22.11 13.74 -32.69
C ALA D 35 -20.97 12.99 -33.38
N ASP D 36 -19.76 13.55 -33.37
CA ASP D 36 -18.64 12.84 -33.94
C ASP D 36 -18.22 11.69 -33.05
N LEU D 37 -18.26 11.91 -31.73
CA LEU D 37 -17.96 10.80 -30.82
C LEU D 37 -18.96 9.67 -30.99
N MET D 38 -20.25 10.00 -31.10
CA MET D 38 -21.25 8.95 -31.30
C MET D 38 -21.05 8.26 -32.63
N ALA D 39 -20.62 8.99 -33.66
CA ALA D 39 -20.42 8.37 -34.96
C ALA D 39 -19.23 7.42 -34.92
N TYR D 40 -18.15 7.84 -34.27
CA TYR D 40 -16.98 6.96 -34.17
C TYR D 40 -17.27 5.79 -33.25
N CYS D 41 -18.16 5.98 -32.27
CA CYS D 41 -18.52 4.91 -31.37
C CYS D 41 -19.33 3.84 -32.07
N GLU D 42 -20.47 4.23 -32.63
CA GLU D 42 -21.33 3.27 -33.30
C GLU D 42 -20.75 2.77 -34.62
N ALA D 43 -19.81 3.50 -35.22
CA ALA D 43 -19.18 2.97 -36.42
C ALA D 43 -18.24 1.81 -36.12
N HIS D 44 -17.78 1.70 -34.87
CA HIS D 44 -16.92 0.59 -34.47
C HIS D 44 -17.49 -0.19 -33.30
N ALA D 45 -18.76 0.03 -32.95
CA ALA D 45 -19.29 -0.61 -31.74
C ALA D 45 -19.33 -2.12 -31.87
N LYS D 46 -19.65 -2.64 -33.04
CA LYS D 46 -19.77 -4.08 -33.24
C LYS D 46 -18.43 -4.78 -33.30
N GLU D 47 -17.33 -4.03 -33.34
CA GLU D 47 -15.99 -4.60 -33.44
C GLU D 47 -15.17 -4.42 -32.16
N ASP D 48 -15.81 -4.08 -31.05
CA ASP D 48 -15.04 -3.92 -29.83
C ASP D 48 -15.26 -5.15 -28.95
N PRO D 49 -14.31 -6.08 -28.90
CA PRO D 49 -14.52 -7.32 -28.13
C PRO D 49 -14.77 -7.07 -26.67
N LEU D 50 -14.22 -5.98 -26.13
CA LEU D 50 -14.42 -5.68 -24.73
C LEU D 50 -15.82 -5.19 -24.45
N LEU D 51 -16.52 -4.64 -25.44
CA LEU D 51 -17.90 -4.24 -25.21
C LEU D 51 -18.85 -5.41 -25.47
N THR D 52 -18.80 -5.95 -26.69
CA THR D 52 -19.54 -7.16 -27.02
C THR D 52 -18.60 -8.33 -26.91
N PRO D 53 -18.73 -9.21 -25.92
CA PRO D 53 -17.75 -10.28 -25.78
C PRO D 53 -17.77 -11.20 -26.98
N VAL D 54 -16.60 -11.49 -27.51
CA VAL D 54 -16.40 -12.36 -28.66
C VAL D 54 -16.41 -13.82 -28.22
N PRO D 55 -16.97 -14.73 -28.99
CA PRO D 55 -16.91 -16.15 -28.61
C PRO D 55 -15.47 -16.59 -28.36
N ALA D 56 -15.32 -17.51 -27.41
CA ALA D 56 -14.04 -18.02 -26.95
C ALA D 56 -13.25 -18.71 -28.05
N SER D 57 -13.87 -19.02 -29.18
CA SER D 57 -13.14 -19.69 -30.27
C SER D 57 -12.10 -18.79 -30.91
N GLU D 58 -12.37 -17.50 -31.05
CA GLU D 58 -11.40 -16.63 -31.68
C GLU D 58 -10.64 -15.81 -30.65
N ASN D 59 -10.73 -16.21 -29.38
CA ASN D 59 -10.06 -15.57 -28.27
C ASN D 59 -8.80 -16.37 -28.01
N PRO D 60 -7.61 -15.83 -28.24
CA PRO D 60 -6.38 -16.62 -28.04
C PRO D 60 -6.14 -17.00 -26.60
N PHE D 61 -6.84 -16.40 -25.65
CA PHE D 61 -6.65 -16.75 -24.25
C PHE D 61 -7.76 -17.65 -23.72
N ARG D 62 -8.75 -17.97 -24.55
CA ARG D 62 -9.80 -18.91 -24.18
C ARG D 62 -9.80 -20.20 -25.00
N GLU D 63 -9.22 -20.19 -26.20
CA GLU D 63 -9.14 -21.40 -27.01
C GLU D 63 -8.00 -22.32 -26.56
PG GTP E . 25.21 16.46 -1.65
O1G GTP E . 26.38 15.51 -1.65
O2G GTP E . 24.27 16.12 -2.78
O3G GTP E . 25.71 17.88 -1.80
O3B GTP E . 24.46 16.34 -0.25
PB GTP E . 25.28 16.66 1.08
O1B GTP E . 25.77 18.07 0.96
O2B GTP E . 24.47 16.48 2.34
O3A GTP E . 26.55 15.68 1.06
PA GTP E . 27.98 16.32 0.80
O1A GTP E . 28.92 15.22 0.35
O2A GTP E . 27.97 17.43 -0.21
O5' GTP E . 28.41 16.88 2.23
C5' GTP E . 28.65 18.26 2.37
C4' GTP E . 30.07 18.46 2.84
O4' GTP E . 30.13 18.48 4.24
C3' GTP E . 30.93 17.28 2.39
O3' GTP E . 31.76 17.67 1.34
C2' GTP E . 31.79 16.94 3.59
O2' GTP E . 33.13 17.21 3.29
C1' GTP E . 31.28 17.82 4.72
N9 GTP E . 30.91 16.99 5.87
C8 GTP E . 29.88 16.10 5.91
N7 GTP E . 29.85 15.53 7.12
C5 GTP E . 30.84 16.04 7.88
C6 GTP E . 31.25 15.81 9.18
O6 GTP E . 30.66 15.00 9.88
N1 GTP E . 32.32 16.49 9.69
C2 GTP E . 32.99 17.40 8.90
N2 GTP E . 34.02 18.05 9.40
N3 GTP E . 32.58 17.63 7.60
C4 GTP E . 31.52 16.96 7.10
C7 LDP F . -14.36 -31.49 26.80
C1 LDP F . -12.99 -31.73 27.39
C4 LDP F . -10.53 -32.19 28.50
C2 LDP F . -12.90 -32.34 28.62
C6 LDP F . -11.87 -31.35 26.72
C5 LDP F . -10.62 -31.58 27.28
C3 LDP F . -11.66 -32.57 29.17
O1 LDP F . -11.55 -33.18 30.41
O2 LDP F . -9.29 -32.42 29.07
C8 LDP F . -15.23 -30.67 27.74
N1 LDP F . -16.18 -29.90 26.96
#